data_8P78
#
_entry.id   8P78
#
_cell.length_a   1.00
_cell.length_b   1.00
_cell.length_c   1.00
_cell.angle_alpha   90.00
_cell.angle_beta   90.00
_cell.angle_gamma   90.00
#
_symmetry.space_group_name_H-M   'P 1'
#
loop_
_entity.id
_entity.type
_entity.pdbx_description
1 polymer 'CDK-activating kinase assembly factor MAT1'
2 polymer Cyclin-H
3 polymer 'Cyclin-dependent kinase 7'
4 non-polymer 3-[({3-ethyl-5-[(2S)-2-(2-hydroxyethyl)piperidin-1-yl]pyrazolo[1,5-a]pyrimidin-7-yl}amino)methyl]-1-hydroxypyridinium
5 water water
#
loop_
_entity_poly.entity_id
_entity_poly.type
_entity_poly.pdbx_seq_one_letter_code
_entity_poly.pdbx_strand_id
1 'polypeptide(L)'
;SNAPVTFSTGIKMGQHISLAPIHKLEEALYEYQPLQIETYGPHVPELEMLGRLGYLNHVRAASPQDLAGGYTSSLACHRA
LQDAFSGLFWQPS
;
H
2 'polypeptide(L)'
;(ACE)MYHNSSQKRHWTFSSEEQLARLRADANRKFRCKAVANGKVLPNDPVFLEPHEEMTLCKYYEKRLLEFCSVFKPAM
PRSVVGTACMYFKRFYLNNSVMEYHPRIIMLTCAFLACKVDEFNVSSPQFVGNLRESPLGQEKALEQILEYELLLIQQLN
FHLIVHNPYRPFEGFLIDLKTRYPILENPEILRKTADDFLNRIALTDAYLLYTPSQIALTAILSSASRAGITMESYLSES
LMLKENRTCLSQLLDIMKSMRNLVKKYEPPRSEEVAVLKQKLERCHSAELALNVITKKRKGYEDDDYVSKKSKHEEEEWT
DDDLVESL
;
I
3 'polypeptide(L)'
;SNAMALDVKSRAKRYEKLDFLGEGQFATVYKARDKNTNQIVAIKKIKLGHRSEAKDGINRTALREIKLLQELSHPNIIGL
LDAFGHKSNISLVFDFMETDLEVIIKDNSLVLTPSHIKAYMLMTLQGLEYLHQHWILHRDLKPNNLLLDENGVLKLADFG
LAKSFGSPNRAYTHQVVTRWYRAPELLFGARMYGVGVDMWAVGCILAELLLRVPFLPGDSDLDQLTRIFETLGTPTEEQW
PDMCSLPDYVTFKSFPGIPLHHIFSAAGDDLLDLIQGLFLFNPCARITATQALKMKYFSNRPGPTPGCQLPRPNCPVETL
KEQSNPALAIKRKRTEALEQGGLPKKLIF
;
J
#
loop_
_chem_comp.id
_chem_comp.type
_chem_comp.name
_chem_comp.formula
1QK non-polymer 3-[({3-ethyl-5-[(2S)-2-(2-hydroxyethyl)piperidin-1-yl]pyrazolo[1,5-a]pyrimidin-7-yl}amino)methyl]-1-hydroxypyridinium 'C21 H29 N6 O2 1'
ACE non-polymer 'ACETYL GROUP' 'C2 H4 O'
#
# COMPACT_ATOMS: atom_id res chain seq x y z
N ALA A 28 -36.26 1.81 -2.15
CA ALA A 28 -35.19 1.10 -1.46
C ALA A 28 -34.14 2.09 -0.94
N LEU A 29 -34.43 2.68 0.21
CA LEU A 29 -33.56 3.70 0.77
C LEU A 29 -32.22 3.11 1.19
N TYR A 30 -31.16 3.87 0.97
CA TYR A 30 -29.84 3.47 1.43
C TYR A 30 -29.73 3.66 2.94
N GLU A 31 -29.02 2.74 3.59
CA GLU A 31 -28.69 2.86 5.00
C GLU A 31 -27.21 2.53 5.17
N TYR A 32 -26.48 3.42 5.82
CA TYR A 32 -25.06 3.20 6.01
C TYR A 32 -24.83 2.03 6.97
N GLN A 33 -23.96 1.10 6.56
CA GLN A 33 -23.47 0.07 7.45
C GLN A 33 -21.95 0.12 7.41
N PRO A 34 -21.28 0.06 8.56
CA PRO A 34 -19.82 0.14 8.56
C PRO A 34 -19.18 -1.07 7.89
N LEU A 35 -17.97 -0.86 7.37
CA LEU A 35 -17.21 -1.97 6.81
C LEU A 35 -16.79 -2.93 7.90
N GLN A 36 -16.96 -4.22 7.65
CA GLN A 36 -16.66 -5.26 8.64
C GLN A 36 -15.54 -6.14 8.09
N ILE A 37 -14.31 -5.74 8.37
CA ILE A 37 -13.12 -6.50 7.99
C ILE A 37 -12.49 -7.03 9.27
N GLU A 38 -12.33 -8.35 9.34
CA GLU A 38 -11.74 -8.97 10.51
C GLU A 38 -10.25 -8.69 10.53
N THR A 39 -9.77 -8.12 11.64
CA THR A 39 -8.36 -7.76 11.77
C THR A 39 -7.54 -8.84 12.46
N TYR A 40 -8.19 -9.82 13.11
CA TYR A 40 -7.51 -10.88 13.85
C TYR A 40 -6.55 -10.31 14.89
N GLY A 41 -7.00 -9.25 15.58
CA GLY A 41 -6.20 -8.63 16.60
C GLY A 41 -7.00 -7.79 17.56
N PRO A 42 -6.32 -7.15 18.50
CA PRO A 42 -7.03 -6.31 19.49
C PRO A 42 -7.70 -5.11 18.84
N HIS A 43 -8.76 -4.65 19.50
CA HIS A 43 -9.53 -3.51 19.01
C HIS A 43 -8.67 -2.25 18.96
N VAL A 44 -8.74 -1.53 17.85
CA VAL A 44 -8.04 -0.27 17.69
C VAL A 44 -8.98 0.87 18.09
N PRO A 45 -8.57 1.78 18.96
CA PRO A 45 -9.42 2.91 19.32
C PRO A 45 -9.72 3.79 18.12
N GLU A 46 -10.88 4.43 18.15
CA GLU A 46 -11.33 5.23 17.01
C GLU A 46 -10.40 6.41 16.76
N LEU A 47 -10.29 6.78 15.49
CA LEU A 47 -9.45 7.90 15.08
C LEU A 47 -9.77 9.16 15.87
N GLU A 48 -11.05 9.45 16.06
CA GLU A 48 -11.49 10.66 16.74
C GLU A 48 -11.48 10.54 18.25
N MET A 49 -10.80 9.55 18.82
CA MET A 49 -10.68 9.40 20.26
C MET A 49 -9.24 9.32 20.74
N LEU A 50 -8.27 9.18 19.84
CA LEU A 50 -6.87 9.00 20.24
C LEU A 50 -6.40 10.14 21.14
N GLY A 51 -6.68 11.38 20.72
CA GLY A 51 -6.31 12.51 21.56
C GLY A 51 -6.93 12.45 22.93
N ARG A 52 -8.19 12.02 23.02
CA ARG A 52 -8.85 11.92 24.31
C ARG A 52 -8.21 10.83 25.18
N LEU A 53 -7.61 9.82 24.56
CA LEU A 53 -7.04 8.70 25.31
C LEU A 53 -5.55 8.85 25.58
N GLY A 54 -4.94 9.95 25.15
CA GLY A 54 -3.54 10.20 25.43
C GLY A 54 -2.55 9.56 24.48
N TYR A 55 -3.01 8.90 23.42
CA TYR A 55 -2.08 8.30 22.46
C TYR A 55 -1.24 9.37 21.79
N LEU A 56 -1.85 10.50 21.43
CA LEU A 56 -1.17 11.53 20.65
C LEU A 56 -0.01 12.17 21.41
N ASN A 57 0.07 11.96 22.73
CA ASN A 57 1.22 12.42 23.49
C ASN A 57 2.51 11.69 23.12
N HIS A 58 2.43 10.59 22.38
CA HIS A 58 3.58 9.76 22.08
C HIS A 58 3.84 9.66 20.57
N VAL A 59 3.28 10.57 19.80
CA VAL A 59 3.60 10.74 18.40
C VAL A 59 4.00 12.20 18.20
N ARG A 60 4.83 12.45 17.18
CA ARG A 60 5.28 13.81 16.92
C ARG A 60 4.15 14.63 16.32
N ALA A 61 4.03 15.88 16.77
CA ALA A 61 2.95 16.74 16.32
C ALA A 61 3.09 17.08 14.83
N ALA A 62 1.96 17.11 14.14
CA ALA A 62 1.96 17.51 12.73
C ALA A 62 2.30 18.99 12.61
N SER A 63 3.21 19.31 11.71
CA SER A 63 3.64 20.68 11.53
C SER A 63 2.51 21.53 10.95
N PRO A 64 2.56 22.85 11.12
CA PRO A 64 1.50 23.70 10.57
C PRO A 64 1.27 23.50 9.09
N GLN A 65 2.34 23.32 8.31
CA GLN A 65 2.18 23.00 6.90
C GLN A 65 1.47 21.66 6.71
N ASP A 66 1.84 20.67 7.53
CA ASP A 66 1.20 19.36 7.46
C ASP A 66 -0.29 19.47 7.76
N LEU A 67 -0.65 20.23 8.81
CA LEU A 67 -2.05 20.42 9.14
C LEU A 67 -2.79 21.16 8.04
N ALA A 68 -2.15 22.17 7.46
CA ALA A 68 -2.75 22.92 6.36
C ALA A 68 -3.05 22.01 5.18
N GLY A 69 -2.16 21.06 4.89
CA GLY A 69 -2.45 20.10 3.86
C GLY A 69 -3.44 19.02 4.24
N GLY A 70 -3.79 18.93 5.51
CA GLY A 70 -4.71 17.90 5.98
C GLY A 70 -4.08 16.71 6.65
N TYR A 71 -2.77 16.72 6.87
CA TYR A 71 -2.13 15.64 7.60
C TYR A 71 -2.14 15.99 9.09
N THR A 72 -2.64 15.09 9.91
CA THR A 72 -2.57 15.22 11.35
C THR A 72 -1.78 14.05 11.94
N SER A 73 -1.12 14.29 13.07
CA SER A 73 -0.39 13.23 13.75
C SER A 73 -1.31 12.07 14.15
N SER A 74 -2.60 12.34 14.28
CA SER A 74 -3.56 11.29 14.60
C SER A 74 -3.62 10.23 13.51
N LEU A 75 -3.38 10.63 12.25
CA LEU A 75 -3.34 9.65 11.16
C LEU A 75 -2.18 8.67 11.35
N ALA A 76 -0.98 9.21 11.64
CA ALA A 76 0.17 8.34 11.85
C ALA A 76 -0.04 7.42 13.04
N CYS A 77 -0.58 7.97 14.14
CA CYS A 77 -0.84 7.14 15.31
C CYS A 77 -1.84 6.03 15.00
N HIS A 78 -2.92 6.36 14.29
CA HIS A 78 -3.93 5.36 13.97
C HIS A 78 -3.35 4.27 13.07
N ARG A 79 -2.56 4.66 12.07
CA ARG A 79 -1.94 3.66 11.20
C ARG A 79 -1.01 2.75 11.99
N ALA A 80 -0.21 3.32 12.88
CA ALA A 80 0.73 2.53 13.66
C ALA A 80 0.01 1.55 14.59
N LEU A 81 -1.04 2.00 15.26
CA LEU A 81 -1.81 1.10 16.13
C LEU A 81 -2.49 0.01 15.32
N GLN A 82 -3.06 0.36 14.17
CA GLN A 82 -3.71 -0.64 13.33
C GLN A 82 -2.72 -1.70 12.88
N ASP A 83 -1.51 -1.28 12.48
CA ASP A 83 -0.51 -2.26 12.07
C ASP A 83 -0.05 -3.11 13.25
N ALA A 84 0.12 -2.51 14.43
CA ALA A 84 0.54 -3.27 15.59
C ALA A 84 -0.48 -4.34 15.94
N PHE A 85 -1.76 -4.04 15.84
CA PHE A 85 -2.77 -5.01 16.26
C PHE A 85 -3.26 -5.91 15.14
N SER A 86 -2.89 -5.65 13.88
CA SER A 86 -3.42 -6.44 12.78
C SER A 86 -2.85 -7.85 12.82
N GLY A 87 -3.72 -8.85 12.83
CA GLY A 87 -3.29 -10.23 12.76
C GLY A 87 -2.49 -10.73 13.94
N LEU A 88 -2.53 -10.04 15.08
CA LEU A 88 -1.78 -10.49 16.25
C LEU A 88 -2.24 -11.87 16.72
N PHE A 89 -3.53 -12.16 16.58
CA PHE A 89 -4.07 -13.44 17.02
C PHE A 89 -4.19 -14.45 15.89
N TRP A 90 -3.68 -14.14 14.71
CA TRP A 90 -3.88 -14.99 13.55
C TRP A 90 -2.85 -16.11 13.51
N GLN A 91 -3.30 -17.29 13.08
CA GLN A 91 -2.47 -18.48 12.99
C GLN A 91 -2.63 -19.06 11.59
N PRO A 92 -1.52 -19.29 10.86
CA PRO A 92 -1.54 -19.90 9.52
C PRO A 92 -2.15 -21.29 9.53
C ACE B 1 -2.80 -2.82 3.51
O ACE B 1 -1.91 -2.25 4.15
CH3 ACE B 1 -3.05 -2.55 2.06
N MET B 2 -3.59 -3.73 4.07
CA MET B 2 -3.46 -4.11 5.48
C MET B 2 -3.11 -5.59 5.58
N TYR B 3 -2.38 -5.97 6.63
CA TYR B 3 -1.90 -7.35 6.74
C TYR B 3 -3.05 -8.34 6.80
N HIS B 4 -4.12 -8.01 7.53
CA HIS B 4 -5.15 -9.00 7.82
C HIS B 4 -5.91 -9.45 6.57
N ASN B 5 -5.78 -8.75 5.45
CA ASN B 5 -6.30 -9.25 4.17
C ASN B 5 -5.27 -9.08 3.07
N SER B 6 -4.00 -9.28 3.42
CA SER B 6 -2.90 -9.08 2.48
C SER B 6 -2.56 -10.37 1.74
N SER B 7 -1.74 -10.21 0.68
CA SER B 7 -1.19 -11.37 0.01
C SER B 7 -0.14 -12.07 0.86
N GLN B 8 0.59 -11.31 1.69
CA GLN B 8 1.58 -11.92 2.58
C GLN B 8 0.92 -12.93 3.52
N LYS B 9 -0.19 -12.55 4.13
CA LYS B 9 -0.89 -13.46 5.03
C LYS B 9 -1.53 -14.61 4.26
N ARG B 10 -2.13 -14.31 3.11
CA ARG B 10 -2.91 -15.30 2.39
C ARG B 10 -2.03 -16.37 1.76
N HIS B 11 -0.90 -15.98 1.18
CA HIS B 11 -0.09 -16.86 0.34
C HIS B 11 1.34 -17.06 0.80
N TRP B 12 1.85 -16.26 1.73
CA TRP B 12 3.27 -16.31 2.05
C TRP B 12 3.53 -16.41 3.55
N THR B 13 2.57 -16.89 4.32
CA THR B 13 2.78 -17.21 5.73
C THR B 13 2.43 -18.68 5.89
N PHE B 14 3.44 -19.51 6.13
CA PHE B 14 3.31 -20.94 6.05
C PHE B 14 3.17 -21.55 7.45
N SER B 15 2.57 -22.74 7.50
CA SER B 15 2.16 -23.32 8.78
C SER B 15 3.35 -23.80 9.61
N SER B 16 4.42 -24.25 8.98
CA SER B 16 5.50 -24.86 9.75
C SER B 16 6.79 -24.84 8.95
N GLU B 17 7.90 -25.01 9.67
CA GLU B 17 9.21 -25.13 9.03
C GLU B 17 9.28 -26.34 8.11
N GLU B 18 8.48 -27.38 8.40
CA GLU B 18 8.46 -28.55 7.53
C GLU B 18 7.96 -28.21 6.14
N GLN B 19 6.98 -27.31 6.05
CA GLN B 19 6.48 -26.88 4.74
C GLN B 19 7.57 -26.13 3.97
N LEU B 20 8.31 -25.25 4.64
CA LEU B 20 9.38 -24.51 3.97
C LEU B 20 10.49 -25.45 3.50
N ALA B 21 10.87 -26.41 4.35
CA ALA B 21 11.85 -27.41 3.95
C ALA B 21 11.35 -28.23 2.77
N ARG B 22 10.07 -28.56 2.76
CA ARG B 22 9.49 -29.27 1.63
C ARG B 22 9.63 -28.46 0.34
N LEU B 23 9.30 -27.18 0.41
CA LEU B 23 9.39 -26.33 -0.79
C LEU B 23 10.83 -26.23 -1.28
N ARG B 24 11.78 -26.03 -0.37
CA ARG B 24 13.17 -25.90 -0.77
C ARG B 24 13.72 -27.20 -1.35
N ALA B 25 13.43 -28.33 -0.71
CA ALA B 25 13.89 -29.62 -1.22
C ALA B 25 13.26 -29.90 -2.59
N ASP B 26 11.99 -29.55 -2.75
CA ASP B 26 11.33 -29.70 -4.03
C ASP B 26 11.98 -28.85 -5.11
N ALA B 27 12.36 -27.61 -4.77
CA ALA B 27 13.04 -26.77 -5.75
C ALA B 27 14.38 -27.38 -6.15
N ASN B 28 15.14 -27.87 -5.16
CA ASN B 28 16.43 -28.51 -5.45
C ASN B 28 16.23 -29.73 -6.34
N ARG B 29 15.22 -30.54 -6.04
CA ARG B 29 14.99 -31.77 -6.81
C ARG B 29 14.52 -31.48 -8.22
N LYS B 30 13.65 -30.48 -8.40
CA LYS B 30 13.23 -30.12 -9.75
C LYS B 30 14.39 -29.57 -10.57
N PHE B 31 15.27 -28.76 -9.97
CA PHE B 31 16.44 -28.34 -10.73
C PHE B 31 17.31 -29.53 -11.08
N ARG B 32 17.46 -30.49 -10.15
CA ARG B 32 18.24 -31.68 -10.45
C ARG B 32 17.66 -32.44 -11.64
N CYS B 33 16.34 -32.62 -11.65
CA CYS B 33 15.70 -33.35 -12.74
C CYS B 33 15.84 -32.61 -14.06
N LYS B 34 15.68 -31.28 -14.05
CA LYS B 34 15.84 -30.50 -15.26
C LYS B 34 17.28 -30.59 -15.79
N ALA B 35 18.27 -30.49 -14.90
CA ALA B 35 19.65 -30.57 -15.33
C ALA B 35 19.99 -31.96 -15.86
N VAL B 36 19.49 -33.01 -15.21
CA VAL B 36 19.76 -34.37 -15.66
C VAL B 36 19.15 -34.61 -17.04
N ALA B 37 17.90 -34.18 -17.24
CA ALA B 37 17.28 -34.32 -18.55
C ALA B 37 18.03 -33.52 -19.60
N ASN B 38 18.45 -32.30 -19.26
CA ASN B 38 19.14 -31.45 -20.22
C ASN B 38 20.47 -32.07 -20.66
N GLY B 39 21.23 -32.63 -19.71
CA GLY B 39 22.53 -33.20 -20.01
C GLY B 39 22.51 -34.69 -20.29
N ASP B 45 25.71 -36.17 -11.84
CA ASP B 45 27.04 -36.03 -11.25
C ASP B 45 26.92 -35.35 -9.88
N PRO B 46 27.98 -35.42 -9.06
CA PRO B 46 27.94 -34.80 -7.72
C PRO B 46 28.09 -33.28 -7.72
N VAL B 47 27.98 -32.61 -8.87
CA VAL B 47 28.11 -31.16 -8.91
C VAL B 47 26.99 -30.45 -8.19
N PHE B 48 25.90 -31.14 -7.88
CA PHE B 48 24.76 -30.51 -7.26
C PHE B 48 25.01 -30.20 -5.79
N LEU B 49 24.44 -29.10 -5.33
CA LEU B 49 24.43 -28.77 -3.93
C LEU B 49 23.22 -29.41 -3.25
N GLU B 50 23.39 -29.78 -2.00
CA GLU B 50 22.30 -30.32 -1.20
C GLU B 50 21.41 -29.19 -0.70
N PRO B 51 20.16 -29.49 -0.36
CA PRO B 51 19.26 -28.42 0.13
C PRO B 51 19.80 -27.68 1.33
N HIS B 52 20.50 -28.35 2.26
CA HIS B 52 21.09 -27.63 3.37
C HIS B 52 22.23 -26.74 2.92
N GLU B 53 22.98 -27.15 1.89
CA GLU B 53 23.99 -26.26 1.31
C GLU B 53 23.34 -25.07 0.62
N GLU B 54 22.22 -25.29 -0.07
CA GLU B 54 21.46 -24.17 -0.63
C GLU B 54 21.02 -23.22 0.46
N MET B 55 20.55 -23.76 1.60
CA MET B 55 20.14 -22.91 2.72
C MET B 55 21.31 -22.11 3.27
N THR B 56 22.48 -22.73 3.41
CA THR B 56 23.66 -22.01 3.88
C THR B 56 24.02 -20.87 2.94
N LEU B 57 24.01 -21.14 1.63
CA LEU B 57 24.32 -20.08 0.67
C LEU B 57 23.27 -18.98 0.70
N CYS B 58 21.99 -19.34 0.85
CA CYS B 58 20.94 -18.34 0.93
C CYS B 58 21.12 -17.45 2.14
N LYS B 59 21.47 -18.04 3.29
CA LYS B 59 21.73 -17.24 4.47
C LYS B 59 22.89 -16.28 4.24
N TYR B 60 23.98 -16.78 3.65
CA TYR B 60 25.15 -15.94 3.40
C TYR B 60 24.79 -14.78 2.47
N TYR B 61 24.05 -15.07 1.40
CA TYR B 61 23.71 -14.02 0.46
C TYR B 61 22.64 -13.08 1.00
N GLU B 62 21.83 -13.53 1.97
CA GLU B 62 20.94 -12.58 2.65
C GLU B 62 21.72 -11.61 3.51
N LYS B 63 22.77 -12.08 4.19
CA LYS B 63 23.64 -11.14 4.88
C LYS B 63 24.31 -10.18 3.90
N ARG B 64 24.71 -10.69 2.73
CA ARG B 64 25.30 -9.81 1.73
C ARG B 64 24.30 -8.79 1.21
N LEU B 65 23.04 -9.19 1.04
CA LEU B 65 21.99 -8.25 0.64
C LEU B 65 21.79 -7.19 1.72
N LEU B 66 21.79 -7.59 2.98
CA LEU B 66 21.68 -6.64 4.08
C LEU B 66 22.84 -5.65 4.06
N GLU B 67 24.05 -6.14 3.84
CA GLU B 67 25.22 -5.27 3.80
C GLU B 67 25.14 -4.30 2.61
N PHE B 68 24.67 -4.78 1.47
CA PHE B 68 24.50 -3.92 0.29
C PHE B 68 23.49 -2.81 0.58
N CYS B 69 22.36 -3.18 1.20
CA CYS B 69 21.34 -2.18 1.50
C CYS B 69 21.77 -1.23 2.60
N SER B 70 22.67 -1.64 3.49
CA SER B 70 23.07 -0.76 4.60
C SER B 70 23.93 0.39 4.10
N VAL B 71 24.91 0.12 3.25
CA VAL B 71 25.80 1.15 2.73
C VAL B 71 25.29 1.75 1.43
N PHE B 72 24.05 1.46 1.06
CA PHE B 72 23.47 1.99 -0.17
C PHE B 72 23.22 3.49 -0.03
N LYS B 73 23.75 4.27 -0.97
CA LYS B 73 23.51 5.70 -1.01
C LYS B 73 22.66 6.06 -2.23
N PRO B 74 21.58 6.84 -2.06
CA PRO B 74 21.12 7.49 -0.83
C PRO B 74 20.61 6.50 0.20
N ALA B 75 20.55 6.89 1.47
CA ALA B 75 20.17 5.97 2.55
C ALA B 75 18.86 5.26 2.24
N MET B 76 18.94 3.95 2.10
CA MET B 76 17.76 3.15 1.84
C MET B 76 16.94 2.99 3.11
N PRO B 77 15.64 3.28 3.08
CA PRO B 77 14.82 3.12 4.28
C PRO B 77 14.74 1.66 4.70
N ARG B 78 14.54 1.46 6.01
CA ARG B 78 14.48 0.10 6.55
C ARG B 78 13.34 -0.71 5.92
N SER B 79 12.25 -0.06 5.55
CA SER B 79 11.14 -0.77 4.93
C SER B 79 11.55 -1.37 3.59
N VAL B 80 12.33 -0.64 2.80
CA VAL B 80 12.82 -1.16 1.52
C VAL B 80 13.72 -2.36 1.76
N VAL B 81 14.59 -2.29 2.76
CA VAL B 81 15.50 -3.39 3.06
C VAL B 81 14.70 -4.63 3.47
N GLY B 82 13.70 -4.44 4.33
CA GLY B 82 12.87 -5.57 4.74
C GLY B 82 12.13 -6.18 3.57
N THR B 83 11.59 -5.34 2.68
CA THR B 83 10.93 -5.83 1.49
C THR B 83 11.88 -6.64 0.62
N ALA B 84 13.12 -6.14 0.45
CA ALA B 84 14.09 -6.85 -0.39
C ALA B 84 14.44 -8.21 0.21
N CYS B 85 14.69 -8.25 1.51
CA CYS B 85 15.02 -9.53 2.15
C CYS B 85 13.86 -10.50 2.06
N MET B 86 12.63 -10.01 2.22
CA MET B 86 11.46 -10.87 2.06
C MET B 86 11.39 -11.42 0.64
N TYR B 87 11.63 -10.57 -0.36
CA TYR B 87 11.65 -11.03 -1.74
C TYR B 87 12.69 -12.14 -1.92
N PHE B 88 13.87 -11.96 -1.34
CA PHE B 88 14.93 -12.96 -1.46
C PHE B 88 14.50 -14.31 -0.87
N LYS B 89 13.96 -14.28 0.35
CA LYS B 89 13.47 -15.50 0.99
C LYS B 89 12.40 -16.18 0.15
N ARG B 90 11.42 -15.40 -0.30
CA ARG B 90 10.31 -15.97 -1.07
C ARG B 90 10.81 -16.56 -2.38
N PHE B 91 11.76 -15.90 -3.03
CA PHE B 91 12.27 -16.41 -4.29
C PHE B 91 12.97 -17.75 -4.09
N TYR B 92 13.79 -17.86 -3.05
CA TYR B 92 14.54 -19.10 -2.87
C TYR B 92 13.76 -20.15 -2.09
N LEU B 93 12.50 -19.87 -1.76
CA LEU B 93 11.59 -20.94 -1.37
C LEU B 93 11.33 -21.89 -2.53
N ASN B 94 11.12 -21.36 -3.74
CA ASN B 94 10.68 -22.17 -4.88
C ASN B 94 11.69 -22.21 -6.01
N ASN B 95 12.92 -21.76 -5.78
CA ASN B 95 13.93 -21.77 -6.83
C ASN B 95 15.27 -22.16 -6.24
N SER B 96 16.13 -22.71 -7.09
CA SER B 96 17.44 -23.19 -6.67
C SER B 96 18.49 -22.14 -6.96
N VAL B 97 19.40 -21.95 -6.01
CA VAL B 97 20.56 -21.08 -6.22
C VAL B 97 21.43 -21.60 -7.35
N MET B 98 21.30 -22.89 -7.69
CA MET B 98 22.04 -23.44 -8.82
C MET B 98 21.48 -22.96 -10.15
N GLU B 99 20.19 -22.66 -10.21
CA GLU B 99 19.60 -22.16 -11.44
C GLU B 99 19.71 -20.65 -11.56
N TYR B 100 19.47 -19.92 -10.48
CA TYR B 100 19.59 -18.47 -10.45
C TYR B 100 20.58 -18.09 -9.36
N HIS B 101 21.62 -17.36 -9.74
CA HIS B 101 22.66 -17.03 -8.80
C HIS B 101 22.13 -16.04 -7.77
N PRO B 102 22.26 -16.34 -6.47
CA PRO B 102 21.78 -15.39 -5.45
C PRO B 102 22.51 -14.06 -5.46
N ARG B 103 23.71 -13.98 -6.03
CA ARG B 103 24.39 -12.68 -6.10
C ARG B 103 23.60 -11.70 -6.98
N ILE B 104 23.02 -12.19 -8.07
CA ILE B 104 22.24 -11.33 -8.94
C ILE B 104 20.81 -11.21 -8.45
N ILE B 105 20.25 -12.29 -7.91
CA ILE B 105 18.88 -12.26 -7.42
C ILE B 105 18.76 -11.28 -6.25
N MET B 106 19.77 -11.22 -5.38
CA MET B 106 19.69 -10.29 -4.26
C MET B 106 19.69 -8.84 -4.73
N LEU B 107 20.51 -8.52 -5.73
CA LEU B 107 20.51 -7.17 -6.29
C LEU B 107 19.18 -6.87 -6.97
N THR B 108 18.62 -7.86 -7.66
CA THR B 108 17.32 -7.69 -8.29
C THR B 108 16.22 -7.48 -7.27
N CYS B 109 16.34 -8.15 -6.12
CA CYS B 109 15.38 -7.95 -5.03
C CYS B 109 15.48 -6.54 -4.48
N ALA B 110 16.70 -6.03 -4.29
CA ALA B 110 16.85 -4.64 -3.85
C ALA B 110 16.28 -3.67 -4.88
N PHE B 111 16.52 -3.92 -6.16
CA PHE B 111 16.00 -3.08 -7.24
C PHE B 111 14.47 -3.05 -7.22
N LEU B 112 13.84 -4.23 -7.21
CA LEU B 112 12.39 -4.30 -7.24
C LEU B 112 11.79 -3.70 -5.97
N ALA B 113 12.41 -3.93 -4.81
CA ALA B 113 11.91 -3.37 -3.57
C ALA B 113 12.00 -1.85 -3.59
N CYS B 114 13.08 -1.30 -4.12
CA CYS B 114 13.18 0.15 -4.27
C CYS B 114 12.05 0.68 -5.13
N LYS B 115 11.69 -0.04 -6.19
CA LYS B 115 10.55 0.39 -7.01
C LYS B 115 9.24 0.29 -6.24
N VAL B 116 9.01 -0.84 -5.57
CA VAL B 116 7.72 -1.11 -4.95
C VAL B 116 7.47 -0.18 -3.77
N ASP B 117 8.50 0.08 -2.98
CA ASP B 117 8.38 0.92 -1.80
C ASP B 117 8.56 2.40 -2.10
N GLU B 118 8.56 2.78 -3.38
CA GLU B 118 8.61 4.17 -3.82
C GLU B 118 9.86 4.87 -3.31
N PHE B 119 10.96 4.15 -3.23
CA PHE B 119 12.27 4.72 -2.94
C PHE B 119 12.89 5.11 -4.27
N ASN B 120 12.77 6.37 -4.64
CA ASN B 120 13.11 6.81 -5.98
C ASN B 120 14.63 6.86 -6.14
N VAL B 121 15.17 5.90 -6.89
CA VAL B 121 16.58 5.89 -7.25
C VAL B 121 16.69 5.56 -8.73
N SER B 122 17.53 6.30 -9.44
CA SER B 122 17.81 5.98 -10.83
C SER B 122 18.64 4.70 -10.91
N SER B 123 18.46 3.97 -12.01
CA SER B 123 19.24 2.75 -12.23
C SER B 123 20.75 3.00 -12.18
N PRO B 124 21.31 4.01 -12.87
CA PRO B 124 22.76 4.24 -12.74
C PRO B 124 23.18 4.52 -11.31
N GLN B 125 22.39 5.26 -10.54
CA GLN B 125 22.76 5.48 -9.15
C GLN B 125 22.46 4.28 -8.27
N PHE B 126 21.59 3.37 -8.72
CA PHE B 126 21.46 2.07 -8.03
C PHE B 126 22.73 1.25 -8.20
N VAL B 127 23.21 1.12 -9.44
CA VAL B 127 24.40 0.28 -9.68
C VAL B 127 25.69 0.98 -9.31
N GLY B 128 25.67 2.30 -9.09
CA GLY B 128 26.85 2.98 -8.59
C GLY B 128 27.21 2.59 -7.18
N ASN B 129 26.28 1.99 -6.44
CA ASN B 129 26.57 1.52 -5.09
C ASN B 129 27.39 0.24 -5.08
N LEU B 130 27.44 -0.48 -6.20
CA LEU B 130 28.28 -1.66 -6.29
C LEU B 130 29.74 -1.29 -6.17
N ARG B 131 30.51 -2.14 -5.47
CA ARG B 131 31.94 -1.95 -5.33
C ARG B 131 32.72 -2.50 -6.52
N GLU B 132 32.07 -2.67 -7.66
CA GLU B 132 32.68 -3.23 -8.86
C GLU B 132 33.01 -2.13 -9.86
N SER B 133 33.71 -2.54 -10.92
CA SER B 133 34.14 -1.62 -11.96
C SER B 133 32.92 -1.09 -12.73
N PRO B 134 33.07 0.05 -13.41
CA PRO B 134 31.95 0.55 -14.23
C PRO B 134 31.48 -0.44 -15.27
N LEU B 135 32.41 -1.17 -15.91
CA LEU B 135 32.01 -2.23 -16.84
C LEU B 135 31.22 -3.32 -16.12
N GLY B 136 31.72 -3.76 -14.97
CA GLY B 136 30.97 -4.70 -14.15
C GLY B 136 29.65 -4.13 -13.69
N GLN B 137 29.60 -2.82 -13.45
CA GLN B 137 28.33 -2.18 -13.06
C GLN B 137 27.31 -2.25 -14.19
N GLU B 138 27.72 -1.96 -15.42
CA GLU B 138 26.78 -2.07 -16.53
C GLU B 138 26.33 -3.51 -16.73
N LYS B 139 27.26 -4.46 -16.61
CA LYS B 139 26.89 -5.87 -16.74
C LYS B 139 25.90 -6.28 -15.65
N ALA B 140 26.14 -5.85 -14.42
CA ALA B 140 25.22 -6.15 -13.32
C ALA B 140 23.85 -5.53 -13.56
N LEU B 141 23.82 -4.30 -14.09
CA LEU B 141 22.55 -3.65 -14.37
C LEU B 141 21.77 -4.44 -15.42
N GLU B 142 22.45 -4.89 -16.48
CA GLU B 142 21.76 -5.70 -17.48
C GLU B 142 21.24 -7.00 -16.89
N GLN B 143 22.02 -7.63 -16.02
CA GLN B 143 21.55 -8.85 -15.36
C GLN B 143 20.33 -8.58 -14.49
N ILE B 144 20.34 -7.45 -13.76
CA ILE B 144 19.20 -7.10 -12.91
C ILE B 144 17.97 -6.87 -13.76
N LEU B 145 18.12 -6.16 -14.88
CA LEU B 145 16.97 -5.92 -15.75
C LEU B 145 16.45 -7.22 -16.34
N GLU B 146 17.35 -8.16 -16.64
CA GLU B 146 16.93 -9.46 -17.16
C GLU B 146 16.14 -10.23 -16.10
N TYR B 147 16.55 -10.15 -14.85
CA TYR B 147 15.93 -10.95 -13.80
C TYR B 147 14.78 -10.27 -13.07
N GLU B 148 14.51 -8.99 -13.35
CA GLU B 148 13.42 -8.30 -12.66
C GLU B 148 12.08 -8.98 -12.91
N LEU B 149 11.75 -9.25 -14.18
CA LEU B 149 10.47 -9.88 -14.48
C LEU B 149 10.42 -11.29 -13.92
N LEU B 150 11.54 -12.03 -13.97
CA LEU B 150 11.58 -13.36 -13.37
C LEU B 150 11.28 -13.30 -11.88
N LEU B 151 11.89 -12.34 -11.18
CA LEU B 151 11.63 -12.19 -9.75
C LEU B 151 10.16 -11.88 -9.50
N ILE B 152 9.57 -11.00 -10.29
CA ILE B 152 8.17 -10.67 -10.08
C ILE B 152 7.28 -11.89 -10.32
N GLN B 153 7.59 -12.66 -11.36
CA GLN B 153 6.81 -13.87 -11.64
C GLN B 153 6.91 -14.87 -10.48
N GLN B 154 8.12 -15.06 -9.94
CA GLN B 154 8.30 -16.02 -8.87
C GLN B 154 7.69 -15.55 -7.55
N LEU B 155 7.47 -14.24 -7.39
CA LEU B 155 6.69 -13.74 -6.27
C LEU B 155 5.19 -13.81 -6.53
N ASN B 156 4.78 -14.37 -7.66
CA ASN B 156 3.38 -14.46 -8.06
C ASN B 156 2.72 -13.10 -8.09
N PHE B 157 3.50 -12.06 -8.39
CA PHE B 157 3.01 -10.69 -8.47
C PHE B 157 2.39 -10.24 -7.15
N HIS B 158 3.02 -10.66 -6.05
CA HIS B 158 2.66 -10.22 -4.69
C HIS B 158 3.82 -9.38 -4.18
N LEU B 159 3.70 -8.06 -4.31
CA LEU B 159 4.82 -7.17 -4.09
C LEU B 159 4.79 -6.44 -2.75
N ILE B 160 3.61 -6.16 -2.21
CA ILE B 160 3.55 -5.46 -0.92
C ILE B 160 4.00 -6.41 0.18
N VAL B 161 5.00 -5.98 0.95
CA VAL B 161 5.55 -6.77 2.04
C VAL B 161 5.31 -6.01 3.34
N HIS B 162 4.61 -6.64 4.27
CA HIS B 162 4.35 -6.06 5.58
C HIS B 162 5.48 -6.45 6.52
N ASN B 163 6.23 -5.47 6.98
CA ASN B 163 7.37 -5.60 7.85
C ASN B 163 6.98 -5.32 9.30
N PRO B 164 7.75 -5.82 10.26
CA PRO B 164 7.40 -5.63 11.67
C PRO B 164 7.69 -4.23 12.22
N TYR B 165 8.27 -3.34 11.43
CA TYR B 165 8.74 -2.06 11.97
C TYR B 165 7.58 -1.16 12.39
N ARG B 166 6.58 -0.99 11.53
CA ARG B 166 5.45 -0.16 11.92
C ARG B 166 4.65 -0.80 13.06
N PRO B 167 4.39 -2.11 13.04
CA PRO B 167 3.79 -2.73 14.24
C PRO B 167 4.60 -2.49 15.50
N PHE B 168 5.93 -2.51 15.38
CA PHE B 168 6.79 -2.23 16.53
C PHE B 168 6.55 -0.82 17.06
N GLU B 169 6.48 0.15 16.15
CA GLU B 169 6.17 1.53 16.57
C GLU B 169 4.80 1.62 17.22
N GLY B 170 3.82 0.93 16.65
CA GLY B 170 2.47 0.98 17.20
C GLY B 170 2.39 0.37 18.59
N PHE B 171 3.13 -0.71 18.81
CA PHE B 171 3.20 -1.31 20.14
C PHE B 171 3.88 -0.38 21.12
N LEU B 172 4.93 0.32 20.70
CA LEU B 172 5.56 1.28 21.60
C LEU B 172 4.60 2.40 21.98
N ILE B 173 3.82 2.89 21.01
CA ILE B 173 2.81 3.91 21.30
C ILE B 173 1.79 3.39 22.30
N ASP B 174 1.28 2.18 22.04
CA ASP B 174 0.25 1.60 22.90
C ASP B 174 0.77 1.35 24.31
N LEU B 175 2.04 0.94 24.44
CA LEU B 175 2.63 0.73 25.76
C LEU B 175 2.80 2.06 26.50
N LYS B 176 3.30 3.08 25.81
CA LYS B 176 3.45 4.38 26.43
C LYS B 176 2.11 4.95 26.86
N THR B 177 1.03 4.59 26.16
CA THR B 177 -0.28 5.15 26.49
C THR B 177 -1.04 4.35 27.54
N ARG B 178 -0.92 3.03 27.53
CA ARG B 178 -1.79 2.19 28.35
C ARG B 178 -1.06 1.29 29.34
N TYR B 179 0.26 1.35 29.44
CA TYR B 179 1.01 0.48 30.34
C TYR B 179 1.95 1.31 31.21
N PRO B 180 1.40 2.05 32.17
CA PRO B 180 2.28 2.82 33.08
C PRO B 180 3.21 1.95 33.90
N ILE B 181 2.89 0.66 34.07
CA ILE B 181 3.77 -0.25 34.79
C ILE B 181 5.16 -0.23 34.16
N LEU B 182 5.21 -0.25 32.83
CA LEU B 182 6.47 -0.05 32.12
C LEU B 182 6.78 1.45 32.14
N GLU B 183 7.77 1.84 32.93
CA GLU B 183 8.07 3.25 33.17
C GLU B 183 8.36 3.98 31.85
N ASN B 184 9.42 3.60 31.17
CA ASN B 184 9.79 4.19 29.88
C ASN B 184 9.91 3.06 28.86
N PRO B 185 8.89 2.84 28.02
CA PRO B 185 8.98 1.75 27.05
C PRO B 185 10.09 1.90 26.03
N GLU B 186 10.61 3.11 25.82
CA GLU B 186 11.69 3.30 24.86
C GLU B 186 12.97 2.58 25.26
N ILE B 187 13.16 2.33 26.56
CA ILE B 187 14.30 1.53 26.99
C ILE B 187 14.28 0.14 26.37
N LEU B 188 13.11 -0.33 25.94
CA LEU B 188 13.00 -1.64 25.31
C LEU B 188 13.35 -1.60 23.82
N ARG B 189 13.54 -0.42 23.23
CA ARG B 189 13.67 -0.33 21.78
C ARG B 189 14.91 -1.07 21.29
N LYS B 190 16.10 -0.60 21.69
CA LYS B 190 17.35 -1.08 21.12
C LYS B 190 17.42 -2.61 21.15
N THR B 191 17.28 -3.20 22.34
CA THR B 191 17.38 -4.64 22.46
C THR B 191 16.31 -5.33 21.62
N ALA B 192 15.07 -4.83 21.65
CA ALA B 192 14.05 -5.40 20.80
C ALA B 192 14.46 -5.32 19.33
N ASP B 193 15.00 -4.16 18.93
CA ASP B 193 15.52 -4.03 17.58
C ASP B 193 16.55 -5.11 17.31
N ASP B 194 17.47 -5.32 18.26
CA ASP B 194 18.44 -6.40 18.13
C ASP B 194 17.73 -7.71 17.84
N PHE B 195 16.76 -8.07 18.69
CA PHE B 195 16.05 -9.32 18.49
C PHE B 195 15.37 -9.34 17.14
N LEU B 196 14.78 -8.20 16.75
CA LEU B 196 14.16 -8.10 15.45
C LEU B 196 15.11 -8.55 14.35
N ASN B 197 16.33 -8.00 14.36
CA ASN B 197 17.32 -8.39 13.37
C ASN B 197 17.53 -9.89 13.39
N ARG B 198 17.71 -10.46 14.58
CA ARG B 198 17.94 -11.89 14.67
C ARG B 198 16.75 -12.67 14.13
N ILE B 199 15.53 -12.21 14.46
CA ILE B 199 14.34 -12.88 13.96
C ILE B 199 14.34 -12.85 12.43
N ALA B 200 14.83 -11.76 11.85
CA ALA B 200 14.85 -11.64 10.40
C ALA B 200 15.77 -12.67 9.75
N LEU B 201 16.81 -13.12 10.46
CA LEU B 201 17.72 -14.09 9.86
C LEU B 201 17.10 -15.47 9.73
N THR B 202 16.09 -15.78 10.54
CA THR B 202 15.45 -17.09 10.52
C THR B 202 14.35 -17.11 9.48
N ASP B 203 13.53 -18.15 9.50
CA ASP B 203 12.37 -18.27 8.63
C ASP B 203 11.11 -17.64 9.24
N ALA B 204 11.26 -16.90 10.33
CA ALA B 204 10.09 -16.39 11.04
C ALA B 204 9.23 -15.52 10.15
N TYR B 205 9.86 -14.72 9.27
CA TYR B 205 9.08 -13.82 8.41
C TYR B 205 8.17 -14.60 7.47
N LEU B 206 8.46 -15.87 7.20
CA LEU B 206 7.57 -16.72 6.44
C LEU B 206 6.59 -17.50 7.31
N LEU B 207 6.70 -17.41 8.64
CA LEU B 207 5.93 -18.25 9.54
C LEU B 207 5.05 -17.50 10.51
N TYR B 208 5.30 -16.21 10.75
CA TYR B 208 4.56 -15.46 11.74
C TYR B 208 4.14 -14.11 11.16
N THR B 209 3.14 -13.51 11.79
CA THR B 209 2.66 -12.21 11.36
C THR B 209 3.65 -11.13 11.78
N PRO B 210 3.70 -10.02 11.04
CA PRO B 210 4.57 -8.91 11.47
C PRO B 210 4.29 -8.44 12.87
N SER B 211 3.00 -8.40 13.25
CA SER B 211 2.63 -7.98 14.60
C SER B 211 3.17 -8.95 15.65
N GLN B 212 3.04 -10.25 15.39
CA GLN B 212 3.58 -11.24 16.31
C GLN B 212 5.09 -11.11 16.44
N ILE B 213 5.78 -10.89 15.32
CA ILE B 213 7.23 -10.72 15.36
C ILE B 213 7.59 -9.51 16.21
N ALA B 214 6.89 -8.39 16.00
CA ALA B 214 7.17 -7.17 16.76
C ALA B 214 6.93 -7.37 18.25
N LEU B 215 5.80 -7.99 18.59
CA LEU B 215 5.48 -8.20 20.00
C LEU B 215 6.48 -9.15 20.65
N THR B 216 6.88 -10.20 19.92
CA THR B 216 7.89 -11.12 20.44
C THR B 216 9.21 -10.39 20.71
N ALA B 217 9.63 -9.53 19.78
CA ALA B 217 10.85 -8.78 19.99
C ALA B 217 10.74 -7.89 21.23
N ILE B 218 9.61 -7.21 21.39
CA ILE B 218 9.43 -6.32 22.54
C ILE B 218 9.46 -7.11 23.84
N LEU B 219 8.77 -8.24 23.89
CA LEU B 219 8.70 -8.99 25.14
C LEU B 219 10.03 -9.67 25.46
N SER B 220 10.76 -10.12 24.44
CA SER B 220 12.11 -10.63 24.70
C SER B 220 13.01 -9.53 25.25
N SER B 221 12.89 -8.32 24.71
CA SER B 221 13.65 -7.20 25.25
C SER B 221 13.28 -6.95 26.71
N ALA B 222 11.99 -7.02 27.03
CA ALA B 222 11.56 -6.83 28.41
C ALA B 222 12.11 -7.91 29.32
N SER B 223 12.10 -9.16 28.85
CA SER B 223 12.62 -10.26 29.65
C SER B 223 14.12 -10.10 29.90
N ARG B 224 14.87 -9.67 28.89
CA ARG B 224 16.29 -9.38 29.11
C ARG B 224 16.44 -8.26 30.13
N ALA B 225 15.60 -7.23 30.04
CA ALA B 225 15.62 -6.17 31.04
C ALA B 225 15.07 -6.62 32.39
N GLY B 226 14.48 -7.82 32.46
CA GLY B 226 13.87 -8.32 33.67
C GLY B 226 12.45 -7.88 33.89
N ILE B 227 11.93 -6.98 33.05
CA ILE B 227 10.58 -6.47 33.24
C ILE B 227 9.56 -7.51 32.82
N THR B 228 8.54 -7.70 33.64
CA THR B 228 7.42 -8.57 33.32
C THR B 228 6.29 -7.73 32.77
N MET B 229 5.84 -8.05 31.56
CA MET B 229 4.67 -7.41 30.96
C MET B 229 3.62 -8.45 30.62
N GLU B 230 3.42 -9.42 31.51
CA GLU B 230 2.32 -10.36 31.35
C GLU B 230 0.97 -9.65 31.41
N SER B 231 0.89 -8.60 32.25
CA SER B 231 -0.37 -7.88 32.41
C SER B 231 -0.75 -7.13 31.14
N TYR B 232 0.24 -6.70 30.34
CA TYR B 232 -0.07 -6.04 29.08
C TYR B 232 -0.84 -6.97 28.16
N LEU B 233 -0.37 -8.21 28.03
CA LEU B 233 -1.11 -9.20 27.25
C LEU B 233 -2.46 -9.49 27.88
N SER B 234 -2.48 -9.70 29.20
CA SER B 234 -3.69 -10.15 29.87
C SER B 234 -4.75 -9.06 29.92
N GLU B 235 -4.36 -7.85 30.31
CA GLU B 235 -5.31 -6.76 30.58
C GLU B 235 -5.45 -5.79 29.42
N SER B 236 -4.35 -5.20 28.96
CA SER B 236 -4.44 -4.18 27.93
C SER B 236 -4.88 -4.77 26.59
N LEU B 237 -4.30 -5.90 26.21
CA LEU B 237 -4.78 -6.63 25.06
C LEU B 237 -5.98 -7.50 25.37
N MET B 238 -6.46 -7.47 26.63
CA MET B 238 -7.72 -8.08 27.04
C MET B 238 -7.77 -9.57 26.75
N LEU B 239 -6.64 -10.25 26.84
CA LEU B 239 -6.61 -11.68 26.59
C LEU B 239 -7.11 -12.50 27.77
N LYS B 240 -7.37 -11.86 28.91
CA LYS B 240 -7.98 -12.56 30.04
C LYS B 240 -9.40 -13.04 29.72
N GLU B 241 -10.06 -12.43 28.74
CA GLU B 241 -11.38 -12.87 28.33
C GLU B 241 -11.34 -14.15 27.50
N ASN B 242 -10.22 -14.42 26.83
CA ASN B 242 -10.05 -15.64 26.03
C ASN B 242 -8.66 -16.18 26.36
N ARG B 243 -8.58 -17.01 27.41
CA ARG B 243 -7.28 -17.56 27.82
C ARG B 243 -6.66 -18.42 26.74
N THR B 244 -7.48 -19.04 25.88
CA THR B 244 -6.94 -19.81 24.77
C THR B 244 -6.17 -18.91 23.81
N CYS B 245 -6.67 -17.69 23.57
CA CYS B 245 -5.96 -16.75 22.72
C CYS B 245 -4.62 -16.37 23.33
N LEU B 246 -4.60 -16.13 24.66
CA LEU B 246 -3.35 -15.81 25.33
C LEU B 246 -2.36 -16.96 25.23
N SER B 247 -2.82 -18.19 25.43
CA SER B 247 -1.94 -19.35 25.35
C SER B 247 -1.39 -19.53 23.94
N GLN B 248 -2.24 -19.35 22.92
CA GLN B 248 -1.77 -19.43 21.54
C GLN B 248 -0.73 -18.36 21.24
N LEU B 249 -0.96 -17.13 21.70
CA LEU B 249 0.01 -16.07 21.48
C LEU B 249 1.34 -16.41 22.16
N LEU B 250 1.27 -16.86 23.42
CA LEU B 250 2.50 -17.20 24.14
C LEU B 250 3.25 -18.33 23.45
N ASP B 251 2.51 -19.32 22.94
CA ASP B 251 3.14 -20.40 22.19
C ASP B 251 3.82 -19.89 20.93
N ILE B 252 3.17 -18.94 20.23
CA ILE B 252 3.76 -18.37 19.02
C ILE B 252 5.09 -17.69 19.35
N MET B 253 5.08 -16.86 20.39
CA MET B 253 6.30 -16.16 20.77
C MET B 253 7.38 -17.12 21.26
N LYS B 254 6.99 -18.18 21.97
CA LYS B 254 7.97 -19.17 22.40
C LYS B 254 8.58 -19.90 21.21
N SER B 255 7.75 -20.24 20.22
CA SER B 255 8.27 -20.87 19.01
C SER B 255 9.24 -19.96 18.27
N MET B 256 8.92 -18.66 18.20
CA MET B 256 9.81 -17.72 17.53
C MET B 256 11.14 -17.58 18.28
N ARG B 257 11.08 -17.52 19.61
CA ARG B 257 12.31 -17.49 20.40
C ARG B 257 13.13 -18.75 20.15
N ASN B 258 12.47 -19.90 20.04
CA ASN B 258 13.18 -21.15 19.75
C ASN B 258 13.83 -21.11 18.37
N LEU B 259 13.12 -20.56 17.38
CA LEU B 259 13.70 -20.41 16.05
C LEU B 259 14.96 -19.56 16.11
N VAL B 260 14.93 -18.47 16.87
CA VAL B 260 16.09 -17.61 16.99
C VAL B 260 17.24 -18.33 17.67
N LYS B 261 16.95 -19.04 18.77
CA LYS B 261 18.03 -19.64 19.55
C LYS B 261 18.73 -20.77 18.78
N LYS B 262 17.99 -21.50 17.96
CA LYS B 262 18.56 -22.59 17.19
C LYS B 262 19.25 -22.14 15.91
N TYR B 263 19.20 -20.86 15.58
CA TYR B 263 19.73 -20.37 14.31
C TYR B 263 21.23 -20.58 14.23
N GLU B 264 21.69 -21.17 13.13
CA GLU B 264 23.10 -21.49 12.92
C GLU B 264 23.68 -20.57 11.87
N PRO B 265 24.45 -19.55 12.23
CA PRO B 265 25.04 -18.65 11.24
C PRO B 265 26.00 -19.41 10.34
N PRO B 266 26.02 -19.10 9.04
CA PRO B 266 26.88 -19.84 8.12
C PRO B 266 28.35 -19.65 8.46
N ARG B 267 29.11 -20.75 8.38
CA ARG B 267 30.53 -20.73 8.68
C ARG B 267 31.32 -20.32 7.44
N SER B 268 32.41 -19.59 7.67
CA SER B 268 33.16 -19.00 6.55
C SER B 268 33.70 -20.07 5.62
N GLU B 269 34.31 -21.12 6.18
CA GLU B 269 34.95 -22.14 5.34
C GLU B 269 33.91 -22.99 4.62
N GLU B 270 32.82 -23.34 5.30
CA GLU B 270 31.76 -24.10 4.66
C GLU B 270 31.15 -23.28 3.52
N VAL B 271 30.95 -21.99 3.75
CA VAL B 271 30.39 -21.13 2.71
C VAL B 271 31.36 -20.98 1.55
N ALA B 272 32.66 -20.91 1.82
CA ALA B 272 33.63 -20.81 0.72
C ALA B 272 33.61 -22.07 -0.14
N VAL B 273 33.57 -23.24 0.49
CA VAL B 273 33.46 -24.49 -0.26
C VAL B 273 32.18 -24.51 -1.08
N LEU B 274 31.07 -24.10 -0.46
CA LEU B 274 29.80 -24.07 -1.17
C LEU B 274 29.80 -23.07 -2.30
N LYS B 275 30.51 -21.96 -2.15
CA LYS B 275 30.58 -20.94 -3.20
C LYS B 275 31.35 -21.46 -4.39
N GLN B 276 32.45 -22.17 -4.14
CA GLN B 276 33.16 -22.83 -5.22
C GLN B 276 32.25 -23.84 -5.92
N LYS B 277 31.50 -24.61 -5.13
CA LYS B 277 30.57 -25.59 -5.71
C LYS B 277 29.51 -24.92 -6.57
N LEU B 278 28.96 -23.81 -6.09
CA LEU B 278 27.88 -23.13 -6.81
C LEU B 278 28.40 -22.46 -8.07
N GLU B 279 29.58 -21.85 -8.00
CA GLU B 279 30.19 -21.29 -9.20
C GLU B 279 30.49 -22.38 -10.22
N ARG B 280 30.94 -23.55 -9.75
CA ARG B 280 31.12 -24.68 -10.66
C ARG B 280 29.80 -25.08 -11.32
N CYS B 281 28.73 -25.12 -10.53
CA CYS B 281 27.43 -25.50 -11.07
C CYS B 281 26.93 -24.50 -12.10
N HIS B 282 27.23 -23.21 -11.89
CA HIS B 282 26.79 -22.20 -12.84
C HIS B 282 27.67 -22.17 -14.09
N SER B 283 28.98 -22.37 -13.93
CA SER B 283 29.86 -22.42 -15.09
C SER B 283 29.50 -23.56 -16.02
N ALA B 284 29.35 -24.76 -15.46
CA ALA B 284 28.81 -25.87 -16.24
C ALA B 284 27.34 -25.64 -16.56
N GLU B 285 26.86 -26.32 -17.59
CA GLU B 285 25.47 -26.21 -18.04
C GLU B 285 25.13 -24.77 -18.45
N LYS C 13 -0.98 -16.07 -24.95
CA LYS C 13 -1.27 -16.79 -23.72
C LYS C 13 -2.67 -17.41 -23.76
N ARG C 14 -3.41 -17.27 -22.66
CA ARG C 14 -4.76 -17.81 -22.56
C ARG C 14 -5.83 -16.74 -22.81
N TYR C 15 -5.43 -15.57 -23.28
CA TYR C 15 -6.37 -14.52 -23.65
C TYR C 15 -6.20 -14.23 -25.14
N GLU C 16 -7.29 -14.32 -25.89
CA GLU C 16 -7.25 -14.01 -27.32
C GLU C 16 -7.66 -12.55 -27.52
N LYS C 17 -6.83 -11.80 -28.25
CA LYS C 17 -7.13 -10.40 -28.51
C LYS C 17 -8.38 -10.29 -29.36
N LEU C 18 -9.37 -9.55 -28.86
CA LEU C 18 -10.61 -9.32 -29.58
C LEU C 18 -10.63 -7.95 -30.24
N ASP C 19 -10.46 -6.90 -29.45
CA ASP C 19 -10.67 -5.54 -29.92
C ASP C 19 -9.60 -4.62 -29.35
N PHE C 20 -9.30 -3.55 -30.06
CA PHE C 20 -8.40 -2.50 -29.57
C PHE C 20 -9.24 -1.46 -28.84
N LEU C 21 -9.24 -1.52 -27.51
CA LEU C 21 -10.05 -0.60 -26.73
C LEU C 21 -9.52 0.83 -26.85
N GLY C 22 -8.21 1.00 -26.78
CA GLY C 22 -7.63 2.31 -26.89
C GLY C 22 -6.21 2.31 -26.37
N GLU C 23 -5.61 3.49 -26.40
CA GLU C 23 -4.24 3.70 -25.94
C GLU C 23 -4.23 4.72 -24.81
N GLY C 24 -3.37 4.48 -23.83
CA GLY C 24 -3.15 5.40 -22.73
C GLY C 24 -1.75 5.97 -22.78
N GLN C 25 -1.49 6.90 -21.86
CA GLN C 25 -0.18 7.54 -21.81
C GLN C 25 0.91 6.56 -21.42
N PHE C 26 0.56 5.44 -20.80
CA PHE C 26 1.54 4.47 -20.33
C PHE C 26 1.47 3.11 -21.01
N ALA C 27 0.32 2.73 -21.56
CA ALA C 27 0.16 1.43 -22.20
C ALA C 27 -1.02 1.50 -23.15
N THR C 28 -1.36 0.36 -23.76
CA THR C 28 -2.48 0.23 -24.67
C THR C 28 -3.39 -0.90 -24.20
N VAL C 29 -4.69 -0.67 -24.23
CA VAL C 29 -5.67 -1.59 -23.65
C VAL C 29 -6.39 -2.31 -24.78
N TYR C 30 -6.47 -3.63 -24.65
CA TYR C 30 -7.17 -4.46 -25.61
C TYR C 30 -8.22 -5.30 -24.90
N LYS C 31 -9.41 -5.36 -25.49
CA LYS C 31 -10.44 -6.27 -25.02
C LYS C 31 -10.14 -7.67 -25.51
N ALA C 32 -10.15 -8.63 -24.59
CA ALA C 32 -9.77 -10.02 -24.84
C ALA C 32 -10.79 -10.96 -24.22
N ARG C 33 -10.66 -12.24 -24.56
CA ARG C 33 -11.49 -13.28 -23.98
C ARG C 33 -10.73 -14.06 -22.92
N ILE C 40 -14.58 -12.02 -20.85
CA ILE C 40 -14.20 -10.74 -21.43
C ILE C 40 -13.42 -9.92 -20.41
N VAL C 41 -12.21 -9.53 -20.78
CA VAL C 41 -11.31 -8.79 -19.90
C VAL C 41 -10.64 -7.69 -20.71
N ALA C 42 -9.97 -6.79 -20.00
CA ALA C 42 -9.18 -5.74 -20.60
C ALA C 42 -7.72 -5.92 -20.20
N ILE C 43 -6.83 -5.98 -21.18
CA ILE C 43 -5.40 -6.14 -20.93
C ILE C 43 -4.72 -4.81 -21.24
N LYS C 44 -3.98 -4.30 -20.26
CA LYS C 44 -3.25 -3.04 -20.38
C LYS C 44 -1.79 -3.37 -20.66
N LYS C 45 -1.50 -3.69 -21.93
CA LYS C 45 -0.15 -4.04 -22.33
C LYS C 45 0.74 -2.81 -22.42
N LYS C 55 16.74 1.52 -19.53
CA LYS C 55 17.60 1.00 -18.48
C LYS C 55 16.92 1.09 -17.12
N ASP C 56 15.67 1.55 -17.10
CA ASP C 56 14.92 1.67 -15.85
C ASP C 56 14.07 0.43 -15.56
N GLY C 57 14.05 -0.55 -16.44
CA GLY C 57 13.33 -1.78 -16.16
C GLY C 57 11.81 -1.62 -16.25
N ILE C 58 11.12 -2.42 -15.45
CA ILE C 58 9.65 -2.45 -15.49
C ILE C 58 9.09 -1.09 -15.14
N ASN C 59 8.10 -0.66 -15.90
CA ASN C 59 7.48 0.65 -15.71
C ASN C 59 6.93 0.79 -14.30
N ARG C 60 7.29 1.89 -13.62
CA ARG C 60 6.90 2.08 -12.23
C ARG C 60 5.39 2.24 -12.07
N THR C 61 4.70 2.80 -13.06
CA THR C 61 3.25 2.97 -12.97
C THR C 61 2.54 1.62 -13.02
N ALA C 62 3.00 0.72 -13.91
CA ALA C 62 2.43 -0.62 -13.95
C ALA C 62 2.69 -1.36 -12.65
N LEU C 63 3.88 -1.20 -12.09
CA LEU C 63 4.20 -1.84 -10.81
C LEU C 63 3.33 -1.27 -9.68
N ARG C 64 3.07 0.03 -9.70
CA ARG C 64 2.18 0.64 -8.71
C ARG C 64 0.80 0.02 -8.80
N GLU C 65 0.26 -0.09 -10.02
CA GLU C 65 -1.05 -0.69 -10.17
C GLU C 65 -1.04 -2.15 -9.69
N ILE C 66 -0.01 -2.91 -10.02
CA ILE C 66 0.09 -4.30 -9.58
C ILE C 66 0.08 -4.38 -8.06
N LYS C 67 1.02 -3.68 -7.43
CA LYS C 67 1.24 -3.83 -6.00
C LYS C 67 0.03 -3.35 -5.20
N LEU C 68 -0.71 -2.37 -5.71
CA LEU C 68 -1.86 -1.90 -4.96
C LEU C 68 -3.09 -2.77 -5.21
N LEU C 69 -3.39 -3.08 -6.47
CA LEU C 69 -4.60 -3.83 -6.74
C LEU C 69 -4.51 -5.28 -6.28
N GLN C 70 -3.30 -5.82 -6.09
CA GLN C 70 -3.23 -7.18 -5.55
C GLN C 70 -3.68 -7.22 -4.09
N GLU C 71 -3.57 -6.11 -3.37
CA GLU C 71 -3.89 -6.06 -1.95
C GLU C 71 -5.31 -5.56 -1.67
N LEU C 72 -6.09 -5.28 -2.71
CA LEU C 72 -7.42 -4.69 -2.55
C LEU C 72 -8.46 -5.59 -3.20
N SER C 73 -9.60 -5.72 -2.52
CA SER C 73 -10.72 -6.49 -3.05
C SER C 73 -12.00 -5.83 -2.57
N HIS C 74 -12.68 -5.12 -3.48
CA HIS C 74 -13.93 -4.44 -3.15
C HIS C 74 -14.74 -4.29 -4.42
N PRO C 75 -16.07 -4.39 -4.36
CA PRO C 75 -16.88 -4.30 -5.59
C PRO C 75 -16.72 -3.00 -6.35
N ASN C 76 -16.34 -1.91 -5.68
CA ASN C 76 -16.21 -0.60 -6.32
C ASN C 76 -14.76 -0.22 -6.54
N ILE C 77 -13.86 -1.20 -6.62
CA ILE C 77 -12.47 -1.00 -7.00
C ILE C 77 -12.17 -1.98 -8.12
N ILE C 78 -11.53 -1.49 -9.18
CA ILE C 78 -11.26 -2.32 -10.35
C ILE C 78 -10.42 -3.53 -9.93
N GLY C 79 -10.80 -4.70 -10.42
CA GLY C 79 -10.12 -5.92 -10.05
C GLY C 79 -8.98 -6.29 -10.96
N LEU C 80 -7.78 -6.44 -10.40
CA LEU C 80 -6.65 -6.99 -11.14
C LEU C 80 -6.76 -8.52 -11.09
N LEU C 81 -7.18 -9.10 -12.22
CA LEU C 81 -7.44 -10.53 -12.25
C LEU C 81 -6.17 -11.35 -12.48
N ASP C 82 -5.27 -10.86 -13.32
CA ASP C 82 -4.03 -11.59 -13.61
C ASP C 82 -2.99 -10.59 -14.11
N ALA C 83 -1.74 -11.04 -14.10
CA ALA C 83 -0.63 -10.21 -14.53
C ALA C 83 0.46 -11.08 -15.15
N PHE C 84 1.05 -10.60 -16.24
CA PHE C 84 2.10 -11.34 -16.94
C PHE C 84 2.89 -10.35 -17.78
N GLY C 85 4.12 -10.75 -18.13
CA GLY C 85 4.97 -9.86 -18.89
C GLY C 85 6.14 -10.59 -19.51
N HIS C 86 6.92 -9.83 -20.28
CA HIS C 86 8.09 -10.38 -20.97
C HIS C 86 9.12 -9.28 -21.12
N LYS C 87 10.37 -9.59 -20.80
CA LYS C 87 11.51 -8.68 -20.89
C LYS C 87 11.22 -7.46 -20.02
N SER C 88 11.25 -6.24 -20.53
CA SER C 88 10.90 -5.06 -19.75
C SER C 88 9.46 -4.64 -19.90
N ASN C 89 8.66 -5.40 -20.64
CA ASN C 89 7.24 -5.13 -20.82
C ASN C 89 6.42 -6.05 -19.91
N ILE C 90 5.25 -5.56 -19.47
CA ILE C 90 4.34 -6.33 -18.64
C ILE C 90 2.90 -6.02 -19.08
N SER C 91 2.04 -7.02 -18.99
CA SER C 91 0.61 -6.87 -19.21
C SER C 91 -0.15 -7.04 -17.91
N LEU C 92 -1.26 -6.31 -17.78
CA LEU C 92 -2.14 -6.40 -16.62
C LEU C 92 -3.55 -6.72 -17.09
N VAL C 93 -4.18 -7.70 -16.45
CA VAL C 93 -5.53 -8.13 -16.82
C VAL C 93 -6.51 -7.56 -15.81
N PHE C 94 -7.56 -6.90 -16.31
CA PHE C 94 -8.62 -6.33 -15.49
C PHE C 94 -9.96 -6.82 -16.01
N ASP C 95 -10.98 -6.69 -15.18
CA ASP C 95 -12.33 -6.86 -15.67
C ASP C 95 -12.62 -5.81 -16.74
N PHE C 96 -13.38 -6.19 -17.75
CA PHE C 96 -13.72 -5.27 -18.83
C PHE C 96 -14.89 -4.40 -18.40
N MET C 97 -14.75 -3.09 -18.59
CA MET C 97 -15.73 -2.11 -18.16
C MET C 97 -16.41 -1.49 -19.39
N GLU C 98 -17.74 -1.42 -19.35
CA GLU C 98 -18.50 -0.97 -20.52
C GLU C 98 -18.23 0.49 -20.83
N THR C 99 -18.24 1.36 -19.83
CA THR C 99 -18.11 2.80 -20.05
C THR C 99 -17.52 3.43 -18.79
N ASP C 100 -17.50 4.77 -18.76
CA ASP C 100 -17.09 5.51 -17.57
C ASP C 100 -18.07 6.65 -17.32
N LEU C 101 -17.83 7.37 -16.22
CA LEU C 101 -18.73 8.44 -15.83
C LEU C 101 -18.65 9.63 -16.79
N GLU C 102 -17.48 9.85 -17.41
CA GLU C 102 -17.33 10.95 -18.35
C GLU C 102 -18.25 10.79 -19.55
N VAL C 103 -18.35 9.58 -20.09
CA VAL C 103 -19.25 9.31 -21.21
C VAL C 103 -20.69 9.57 -20.80
N ILE C 104 -21.04 9.20 -19.57
CA ILE C 104 -22.39 9.44 -19.06
C ILE C 104 -22.66 10.94 -18.98
N ILE C 105 -21.73 11.68 -18.38
CA ILE C 105 -21.94 13.11 -18.16
C ILE C 105 -22.06 13.84 -19.48
N LYS C 106 -21.15 13.55 -20.42
CA LYS C 106 -21.12 14.25 -21.69
C LYS C 106 -22.20 13.78 -22.65
N ASP C 107 -22.87 12.67 -22.36
CA ASP C 107 -23.95 12.18 -23.23
C ASP C 107 -25.17 13.06 -23.01
N ASN C 108 -25.38 14.01 -23.92
CA ASN C 108 -26.50 14.93 -23.78
C ASN C 108 -27.85 14.24 -23.92
N SER C 109 -27.86 13.01 -24.44
CA SER C 109 -29.09 12.26 -24.57
C SER C 109 -29.46 11.48 -23.31
N LEU C 110 -28.63 11.54 -22.27
CA LEU C 110 -28.89 10.83 -21.01
C LEU C 110 -29.35 11.83 -19.96
N VAL C 111 -30.46 11.51 -19.30
CA VAL C 111 -30.97 12.33 -18.20
C VAL C 111 -30.42 11.79 -16.89
N LEU C 112 -29.80 12.67 -16.11
CA LEU C 112 -29.19 12.30 -14.83
C LEU C 112 -30.13 12.73 -13.72
N THR C 113 -31.04 11.83 -13.35
CA THR C 113 -31.98 12.09 -12.27
C THR C 113 -31.25 12.15 -10.93
N PRO C 114 -31.85 12.75 -9.91
CA PRO C 114 -31.20 12.77 -8.59
C PRO C 114 -30.85 11.38 -8.08
N SER C 115 -31.68 10.37 -8.38
CA SER C 115 -31.39 9.01 -7.95
C SER C 115 -30.15 8.45 -8.65
N HIS C 116 -29.99 8.73 -9.94
CA HIS C 116 -28.79 8.28 -10.65
C HIS C 116 -27.54 8.91 -10.05
N ILE C 117 -27.60 10.23 -9.80
CA ILE C 117 -26.48 10.94 -9.21
C ILE C 117 -26.14 10.35 -7.84
N LYS C 118 -27.17 10.08 -7.03
CA LYS C 118 -26.95 9.50 -5.72
C LYS C 118 -26.31 8.12 -5.82
N ALA C 119 -26.76 7.30 -6.78
CA ALA C 119 -26.16 5.97 -6.96
C ALA C 119 -24.69 6.07 -7.32
N TYR C 120 -24.35 6.93 -8.29
CA TYR C 120 -22.95 7.10 -8.68
C TYR C 120 -22.12 7.57 -7.50
N MET C 121 -22.62 8.57 -6.77
CA MET C 121 -21.90 9.10 -5.63
C MET C 121 -21.72 8.04 -4.55
N LEU C 122 -22.74 7.21 -4.34
CA LEU C 122 -22.68 6.17 -3.33
C LEU C 122 -21.59 5.15 -3.66
N MET C 123 -21.59 4.64 -4.89
CA MET C 123 -20.57 3.64 -5.26
C MET C 123 -19.18 4.25 -5.20
N THR C 124 -19.03 5.48 -5.70
CA THR C 124 -17.74 6.15 -5.63
C THR C 124 -17.26 6.25 -4.19
N LEU C 125 -18.14 6.67 -3.29
CA LEU C 125 -17.75 6.87 -1.90
C LEU C 125 -17.49 5.55 -1.19
N GLN C 126 -18.22 4.49 -1.54
CA GLN C 126 -17.96 3.19 -0.91
C GLN C 126 -16.59 2.66 -1.31
N GLY C 127 -16.26 2.75 -2.61
CA GLY C 127 -14.92 2.40 -3.03
C GLY C 127 -13.86 3.24 -2.35
N LEU C 128 -14.11 4.55 -2.25
CA LEU C 128 -13.16 5.44 -1.59
C LEU C 128 -13.01 5.11 -0.11
N GLU C 129 -14.11 4.79 0.56
CA GLU C 129 -14.04 4.46 1.99
C GLU C 129 -13.21 3.20 2.20
N TYR C 130 -13.43 2.18 1.39
CA TYR C 130 -12.61 0.97 1.47
C TYR C 130 -11.15 1.29 1.20
N LEU C 131 -10.88 2.09 0.17
CA LEU C 131 -9.52 2.45 -0.20
C LEU C 131 -8.83 3.21 0.93
N HIS C 132 -9.49 4.22 1.48
CA HIS C 132 -8.91 5.02 2.54
C HIS C 132 -8.73 4.21 3.82
N GLN C 133 -9.61 3.24 4.06
CA GLN C 133 -9.44 2.39 5.24
C GLN C 133 -8.15 1.60 5.16
N HIS C 134 -7.78 1.16 3.94
CA HIS C 134 -6.51 0.51 3.72
C HIS C 134 -5.38 1.51 3.45
N TRP C 135 -5.60 2.78 3.82
CA TRP C 135 -4.56 3.79 3.82
C TRP C 135 -3.98 4.01 2.43
N ILE C 136 -4.83 4.05 1.42
CA ILE C 136 -4.43 4.33 0.04
C ILE C 136 -5.23 5.53 -0.46
N LEU C 137 -4.54 6.50 -1.03
CA LEU C 137 -5.16 7.61 -1.75
C LEU C 137 -5.14 7.32 -3.24
N HIS C 138 -6.26 7.60 -3.91
CA HIS C 138 -6.34 7.36 -5.36
C HIS C 138 -5.54 8.41 -6.12
N ARG C 139 -5.80 9.70 -5.85
CA ARG C 139 -5.06 10.84 -6.36
C ARG C 139 -5.21 11.05 -7.86
N ASP C 140 -6.13 10.34 -8.51
CA ASP C 140 -6.43 10.60 -9.91
C ASP C 140 -7.93 10.49 -10.15
N LEU C 141 -8.72 10.95 -9.19
CA LEU C 141 -10.16 10.82 -9.30
C LEU C 141 -10.70 11.83 -10.31
N LYS C 142 -11.50 11.33 -11.24
CA LYS C 142 -12.14 12.13 -12.27
C LYS C 142 -13.13 11.24 -13.00
N PRO C 143 -14.09 11.82 -13.72
CA PRO C 143 -15.17 11.00 -14.30
C PRO C 143 -14.68 9.84 -15.15
N ASN C 144 -13.63 10.02 -15.96
CA ASN C 144 -13.18 8.93 -16.82
C ASN C 144 -12.44 7.85 -16.06
N ASN C 145 -11.98 8.12 -14.85
CA ASN C 145 -11.38 7.09 -14.01
C ASN C 145 -12.40 6.36 -13.15
N LEU C 146 -13.68 6.69 -13.28
CA LEU C 146 -14.77 5.96 -12.63
C LEU C 146 -15.45 5.13 -13.72
N LEU C 147 -15.00 3.88 -13.86
CA LEU C 147 -15.52 3.03 -14.91
C LEU C 147 -16.83 2.38 -14.46
N LEU C 148 -17.66 2.04 -15.44
CA LEU C 148 -18.94 1.39 -15.17
C LEU C 148 -19.01 0.11 -15.98
N ASP C 149 -19.35 -0.99 -15.32
CA ASP C 149 -19.52 -2.25 -16.04
C ASP C 149 -20.95 -2.34 -16.56
N GLU C 150 -21.25 -3.42 -17.27
CA GLU C 150 -22.57 -3.56 -17.87
C GLU C 150 -23.66 -3.76 -16.83
N ASN C 151 -23.32 -4.04 -15.58
CA ASN C 151 -24.28 -4.20 -14.51
C ASN C 151 -24.54 -2.93 -13.73
N GLY C 152 -23.89 -1.82 -14.10
CA GLY C 152 -24.06 -0.59 -13.37
C GLY C 152 -23.20 -0.46 -12.13
N VAL C 153 -22.23 -1.35 -11.94
CA VAL C 153 -21.31 -1.24 -10.82
C VAL C 153 -20.20 -0.27 -11.19
N LEU C 154 -20.05 0.78 -10.40
CA LEU C 154 -18.98 1.75 -10.60
C LEU C 154 -17.72 1.26 -9.91
N LYS C 155 -16.58 1.44 -10.56
CA LYS C 155 -15.30 1.03 -10.00
C LYS C 155 -14.27 2.13 -10.21
N LEU C 156 -13.54 2.45 -9.15
CA LEU C 156 -12.37 3.30 -9.28
C LEU C 156 -11.28 2.55 -10.03
N ALA C 157 -10.75 3.15 -11.07
CA ALA C 157 -9.68 2.55 -11.86
C ALA C 157 -8.50 3.51 -11.94
N ASP C 158 -7.48 3.10 -12.70
CA ASP C 158 -6.28 3.90 -12.94
C ASP C 158 -5.57 4.25 -11.63
N PHE C 159 -5.01 3.21 -11.00
CA PHE C 159 -4.25 3.39 -9.78
C PHE C 159 -2.78 3.72 -10.03
N GLY C 160 -2.44 4.16 -11.24
CA GLY C 160 -1.07 4.52 -11.55
C GLY C 160 -0.56 5.73 -10.81
N LEU C 161 -1.42 6.48 -10.13
CA LEU C 161 -1.00 7.57 -9.28
C LEU C 161 -1.32 7.33 -7.81
N ALA C 162 -1.97 6.22 -7.48
CA ALA C 162 -2.37 5.96 -6.11
C ALA C 162 -1.14 5.69 -5.24
N LYS C 163 -1.20 6.18 -3.99
CA LYS C 163 -0.10 5.99 -3.06
C LYS C 163 -0.66 5.84 -1.66
N SER C 164 -0.01 4.97 -0.87
CA SER C 164 -0.39 4.83 0.52
C SER C 164 -0.11 6.11 1.29
N PHE C 165 -0.93 6.37 2.30
CA PHE C 165 -0.78 7.57 3.10
C PHE C 165 -0.84 7.23 4.58
N GLY C 166 -0.42 8.18 5.42
CA GLY C 166 -0.43 8.04 6.86
C GLY C 166 0.93 7.99 7.50
N SER C 167 2.00 7.96 6.73
CA SER C 167 3.35 7.94 7.29
C SER C 167 3.93 9.35 7.27
N PRO C 168 4.32 9.91 8.42
CA PRO C 168 4.91 11.27 8.39
C PRO C 168 6.15 11.36 7.53
N ASN C 169 7.00 10.34 7.56
CA ASN C 169 8.28 10.32 6.87
C ASN C 169 8.16 10.00 5.39
N ARG C 170 6.95 10.07 4.83
CA ARG C 170 6.67 9.69 3.45
C ARG C 170 6.05 10.89 2.74
N ALA C 171 6.90 11.77 2.22
CA ALA C 171 6.42 12.96 1.51
C ALA C 171 5.95 12.60 0.11
N TYR C 172 5.03 13.41 -0.41
CA TYR C 172 4.50 13.23 -1.76
C TYR C 172 4.74 14.49 -2.58
N THR C 173 4.17 14.51 -3.77
CA THR C 173 4.22 15.66 -4.66
C THR C 173 2.84 16.30 -4.75
N HIS C 174 2.82 17.63 -4.87
CA HIS C 174 1.58 18.35 -5.04
C HIS C 174 1.02 18.25 -6.45
N GLN C 175 1.87 18.02 -7.45
CA GLN C 175 1.41 17.91 -8.84
C GLN C 175 0.75 16.55 -9.08
N VAL C 176 -0.36 16.33 -8.38
CA VAL C 176 -1.17 15.14 -8.54
C VAL C 176 -2.61 15.58 -8.71
N VAL C 177 -3.44 14.65 -9.20
CA VAL C 177 -4.85 14.88 -9.55
C VAL C 177 -4.92 15.80 -10.76
N THR C 178 -5.84 15.50 -11.68
CA THR C 178 -6.09 16.37 -12.82
C THR C 178 -6.47 17.76 -12.33
N ARG C 179 -6.02 18.79 -13.06
CA ARG C 179 -6.08 20.16 -12.55
C ARG C 179 -7.51 20.56 -12.21
N TRP C 180 -8.48 20.22 -13.05
CA TRP C 180 -9.87 20.60 -12.80
C TRP C 180 -10.38 20.04 -11.49
N TYR C 181 -9.86 18.89 -11.06
CA TYR C 181 -10.31 18.19 -9.87
C TYR C 181 -9.32 18.29 -8.73
N ARG C 182 -8.30 19.13 -8.86
CA ARG C 182 -7.26 19.23 -7.85
C ARG C 182 -7.71 20.13 -6.70
N ALA C 183 -7.48 19.65 -5.48
CA ALA C 183 -7.88 20.39 -4.30
C ALA C 183 -6.99 21.62 -4.10
N PRO C 184 -7.49 22.67 -3.45
CA PRO C 184 -6.66 23.87 -3.25
C PRO C 184 -5.40 23.61 -2.45
N GLU C 185 -5.43 22.69 -1.48
CA GLU C 185 -4.21 22.37 -0.74
C GLU C 185 -3.13 21.85 -1.68
N LEU C 186 -3.51 21.02 -2.65
CA LEU C 186 -2.57 20.58 -3.67
C LEU C 186 -2.07 21.75 -4.51
N LEU C 187 -2.99 22.62 -4.93
CA LEU C 187 -2.61 23.78 -5.73
C LEU C 187 -1.72 24.73 -4.95
N PHE C 188 -1.89 24.82 -3.64
CA PHE C 188 -1.00 25.60 -2.81
C PHE C 188 0.28 24.86 -2.46
N GLY C 189 0.47 23.64 -2.97
CA GLY C 189 1.74 22.95 -2.83
C GLY C 189 1.86 21.98 -1.68
N ALA C 190 0.74 21.45 -1.17
CA ALA C 190 0.79 20.52 -0.04
C ALA C 190 1.56 19.26 -0.39
N ARG C 191 2.72 19.06 0.25
CA ARG C 191 3.46 17.81 0.10
C ARG C 191 2.89 16.71 1.00
N MET C 192 2.38 17.08 2.17
CA MET C 192 1.73 16.15 3.08
C MET C 192 0.23 16.39 3.02
N TYR C 193 -0.54 15.33 2.80
CA TYR C 193 -1.98 15.46 2.71
C TYR C 193 -2.61 14.10 2.98
N GLY C 194 -3.94 14.10 3.11
CA GLY C 194 -4.70 12.92 3.41
C GLY C 194 -5.86 12.75 2.44
N VAL C 195 -6.94 12.17 2.94
CA VAL C 195 -8.07 11.83 2.11
C VAL C 195 -8.75 13.05 1.49
N GLY C 196 -8.41 14.26 1.95
CA GLY C 196 -9.04 15.45 1.42
C GLY C 196 -8.86 15.63 -0.08
N VAL C 197 -7.74 15.17 -0.63
CA VAL C 197 -7.53 15.31 -2.07
C VAL C 197 -8.60 14.52 -2.83
N ASP C 198 -8.82 13.28 -2.42
CA ASP C 198 -9.83 12.45 -3.08
C ASP C 198 -11.23 13.01 -2.86
N MET C 199 -11.51 13.52 -1.66
CA MET C 199 -12.85 14.03 -1.37
C MET C 199 -13.14 15.31 -2.15
N TRP C 200 -12.14 16.19 -2.31
CA TRP C 200 -12.35 17.37 -3.15
C TRP C 200 -12.61 16.95 -4.59
N ALA C 201 -11.82 16.00 -5.10
CA ALA C 201 -12.09 15.49 -6.44
C ALA C 201 -13.49 14.91 -6.53
N VAL C 202 -13.95 14.27 -5.45
CA VAL C 202 -15.30 13.71 -5.42
C VAL C 202 -16.34 14.82 -5.48
N GLY C 203 -16.10 15.93 -4.78
CA GLY C 203 -17.00 17.06 -4.87
C GLY C 203 -17.04 17.64 -6.27
N CYS C 204 -15.89 17.71 -6.94
CA CYS C 204 -15.86 18.18 -8.32
C CYS C 204 -16.63 17.25 -9.24
N ILE C 205 -16.51 15.94 -9.02
CA ILE C 205 -17.26 14.98 -9.83
C ILE C 205 -18.75 15.14 -9.59
N LEU C 206 -19.16 15.35 -8.34
CA LEU C 206 -20.56 15.59 -8.03
C LEU C 206 -21.06 16.85 -8.73
N ALA C 207 -20.26 17.91 -8.70
CA ALA C 207 -20.65 19.16 -9.35
C ALA C 207 -20.76 18.98 -10.86
N GLU C 208 -19.85 18.21 -11.45
CA GLU C 208 -19.93 17.92 -12.87
C GLU C 208 -21.16 17.08 -13.20
N LEU C 209 -21.52 16.16 -12.30
CA LEU C 209 -22.74 15.39 -12.48
C LEU C 209 -23.96 16.29 -12.47
N LEU C 210 -23.96 17.29 -11.59
CA LEU C 210 -25.11 18.17 -11.47
C LEU C 210 -25.20 19.17 -12.63
N LEU C 211 -24.06 19.68 -13.07
CA LEU C 211 -24.01 20.73 -14.08
C LEU C 211 -23.76 20.20 -15.49
N ARG C 212 -23.39 18.93 -15.63
CA ARG C 212 -23.08 18.27 -16.90
C ARG C 212 -21.87 18.87 -17.60
N VAL C 213 -21.19 19.82 -16.97
CA VAL C 213 -19.95 20.39 -17.50
C VAL C 213 -18.95 20.45 -16.36
N PRO C 214 -17.65 20.50 -16.67
CA PRO C 214 -16.65 20.63 -15.61
C PRO C 214 -16.91 21.84 -14.74
N PHE C 215 -16.86 21.62 -13.43
CA PHE C 215 -17.23 22.65 -12.46
C PHE C 215 -16.24 23.80 -12.47
N LEU C 216 -14.94 23.49 -12.42
CA LEU C 216 -13.88 24.48 -12.28
C LEU C 216 -12.84 24.26 -13.36
N PRO C 217 -13.16 24.60 -14.61
CA PRO C 217 -12.26 24.31 -15.75
C PRO C 217 -11.13 25.33 -15.88
N GLY C 218 -10.13 25.21 -15.01
CA GLY C 218 -8.97 26.04 -15.13
C GLY C 218 -8.08 25.64 -16.29
N ASP C 219 -7.32 26.61 -16.79
CA ASP C 219 -6.31 26.36 -17.81
C ASP C 219 -4.90 26.31 -17.24
N SER C 220 -4.73 26.66 -15.96
CA SER C 220 -3.45 26.69 -15.29
C SER C 220 -3.70 26.59 -13.80
N ASP C 221 -2.64 26.40 -13.03
CA ASP C 221 -2.78 26.29 -11.58
C ASP C 221 -3.31 27.59 -10.98
N LEU C 222 -2.75 28.72 -11.40
CA LEU C 222 -3.24 30.01 -10.92
C LEU C 222 -4.69 30.24 -11.32
N ASP C 223 -5.03 29.91 -12.57
CA ASP C 223 -6.42 30.08 -12.99
C ASP C 223 -7.34 29.06 -12.32
N GLN C 224 -6.82 27.88 -11.97
CA GLN C 224 -7.62 26.92 -11.22
C GLN C 224 -7.97 27.47 -9.85
N LEU C 225 -6.98 27.99 -9.12
CA LEU C 225 -7.24 28.61 -7.83
C LEU C 225 -8.16 29.81 -7.98
N THR C 226 -8.01 30.57 -9.06
CA THR C 226 -8.87 31.72 -9.29
C THR C 226 -10.31 31.29 -9.48
N ARG C 227 -10.55 30.24 -10.26
CA ARG C 227 -11.92 29.75 -10.45
C ARG C 227 -12.48 29.22 -9.15
N ILE C 228 -11.67 28.51 -8.36
CA ILE C 228 -12.14 27.98 -7.09
C ILE C 228 -12.57 29.11 -6.17
N PHE C 229 -11.75 30.15 -6.05
CA PHE C 229 -12.07 31.23 -5.12
C PHE C 229 -13.19 32.11 -5.65
N GLU C 230 -13.29 32.28 -6.96
CA GLU C 230 -14.38 33.07 -7.52
C GLU C 230 -15.72 32.37 -7.37
N THR C 231 -15.74 31.03 -7.41
CA THR C 231 -16.99 30.31 -7.25
C THR C 231 -17.35 30.09 -5.79
N LEU C 232 -16.38 29.71 -4.96
CA LEU C 232 -16.63 29.30 -3.58
C LEU C 232 -16.25 30.36 -2.56
N GLY C 233 -15.74 31.50 -2.99
CA GLY C 233 -15.25 32.47 -2.04
C GLY C 233 -13.78 32.28 -1.75
N THR C 234 -13.11 33.38 -1.46
CA THR C 234 -11.71 33.33 -1.08
C THR C 234 -11.59 32.84 0.35
N PRO C 235 -10.84 31.78 0.63
CA PRO C 235 -10.76 31.26 2.00
C PRO C 235 -10.03 32.24 2.90
N THR C 236 -10.41 32.24 4.17
CA THR C 236 -9.82 33.10 5.17
C THR C 236 -9.24 32.25 6.30
N GLU C 237 -8.73 32.94 7.32
CA GLU C 237 -8.07 32.27 8.42
C GLU C 237 -9.02 31.38 9.22
N GLU C 238 -10.28 31.80 9.37
CA GLU C 238 -11.22 31.00 10.16
C GLU C 238 -11.67 29.74 9.43
N GLN C 239 -11.63 29.74 8.10
CA GLN C 239 -11.98 28.55 7.34
C GLN C 239 -10.78 27.63 7.09
N TRP C 240 -9.56 28.09 7.38
CA TRP C 240 -8.36 27.34 7.03
C TRP C 240 -7.18 27.91 7.82
N PRO C 241 -7.05 27.56 9.10
CA PRO C 241 -6.15 28.32 10.00
C PRO C 241 -4.70 28.35 9.56
N ASP C 242 -4.17 27.29 8.96
CA ASP C 242 -2.77 27.23 8.57
C ASP C 242 -2.57 27.40 7.07
N MET C 243 -3.59 27.93 6.38
CA MET C 243 -3.57 28.03 4.92
C MET C 243 -2.30 28.72 4.43
N CYS C 244 -1.92 29.82 5.07
CA CYS C 244 -0.78 30.61 4.63
C CYS C 244 0.55 29.88 4.77
N SER C 245 0.60 28.79 5.54
CA SER C 245 1.84 28.05 5.72
C SER C 245 2.17 27.13 4.55
N LEU C 246 1.22 26.90 3.64
CA LEU C 246 1.50 26.04 2.50
C LEU C 246 2.54 26.69 1.58
N PRO C 247 3.49 25.92 1.05
CA PRO C 247 4.65 26.55 0.39
C PRO C 247 4.30 27.45 -0.77
N ASP C 248 3.48 26.99 -1.71
CA ASP C 248 3.08 27.81 -2.85
C ASP C 248 1.77 28.54 -2.58
N TYR C 249 1.70 29.22 -1.45
CA TYR C 249 0.51 29.99 -1.09
C TYR C 249 0.60 31.38 -1.69
N VAL C 250 -0.44 31.77 -2.41
CA VAL C 250 -0.54 33.09 -3.02
C VAL C 250 -1.84 33.72 -2.56
N THR C 251 -1.78 34.99 -2.16
CA THR C 251 -2.98 35.71 -1.75
C THR C 251 -3.79 36.09 -2.99
N PHE C 252 -5.10 35.90 -2.90
CA PHE C 252 -5.98 36.20 -4.01
C PHE C 252 -6.99 37.27 -3.60
N LYS C 253 -7.61 37.88 -4.62
CA LYS C 253 -8.67 38.84 -4.37
C LYS C 253 -9.79 38.19 -3.58
N SER C 254 -10.33 38.94 -2.62
CA SER C 254 -11.37 38.41 -1.74
C SER C 254 -12.70 38.30 -2.47
N PHE C 255 -12.88 37.21 -3.23
CA PHE C 255 -14.16 36.97 -3.89
C PHE C 255 -15.20 36.54 -2.87
N PRO C 256 -16.41 37.10 -2.92
CA PRO C 256 -17.47 36.63 -2.02
C PRO C 256 -17.94 35.22 -2.32
N GLY C 257 -17.68 34.70 -3.51
CA GLY C 257 -18.20 33.41 -3.90
C GLY C 257 -19.64 33.50 -4.32
N ILE C 258 -20.14 32.37 -4.83
CA ILE C 258 -21.53 32.23 -5.26
C ILE C 258 -22.19 31.25 -4.32
N PRO C 259 -23.31 31.60 -3.69
CA PRO C 259 -24.00 30.65 -2.81
C PRO C 259 -24.36 29.37 -3.57
N LEU C 260 -24.22 28.23 -2.90
CA LEU C 260 -24.33 26.94 -3.59
C LEU C 260 -25.70 26.78 -4.23
N HIS C 261 -26.77 27.21 -3.56
CA HIS C 261 -28.10 27.05 -4.14
C HIS C 261 -28.26 27.90 -5.39
N HIS C 262 -27.44 28.93 -5.58
CA HIS C 262 -27.43 29.64 -6.85
C HIS C 262 -26.72 28.82 -7.93
N ILE C 263 -25.57 28.23 -7.59
CA ILE C 263 -24.85 27.39 -8.55
C ILE C 263 -25.65 26.15 -8.88
N PHE C 264 -26.06 25.41 -7.86
CA PHE C 264 -26.81 24.17 -8.01
C PHE C 264 -28.26 24.47 -7.64
N SER C 265 -29.01 24.99 -8.61
CA SER C 265 -30.37 25.44 -8.34
C SER C 265 -31.28 24.28 -7.94
N ALA C 266 -31.16 23.14 -8.61
CA ALA C 266 -32.02 22.00 -8.36
C ALA C 266 -31.59 21.14 -7.20
N ALA C 267 -30.45 21.45 -6.56
CA ALA C 267 -29.98 20.66 -5.45
C ALA C 267 -30.84 20.89 -4.21
N GLY C 268 -31.24 19.80 -3.56
CA GLY C 268 -31.93 19.91 -2.30
C GLY C 268 -31.00 20.33 -1.17
N ASP C 269 -31.59 20.58 -0.01
CA ASP C 269 -30.80 21.06 1.13
C ASP C 269 -29.79 20.02 1.59
N ASP C 270 -30.18 18.74 1.61
CA ASP C 270 -29.25 17.69 2.00
C ASP C 270 -28.10 17.58 1.00
N LEU C 271 -28.40 17.65 -0.29
CA LEU C 271 -27.35 17.60 -1.31
C LEU C 271 -26.43 18.81 -1.18
N LEU C 272 -26.98 19.98 -0.89
CA LEU C 272 -26.15 21.16 -0.67
C LEU C 272 -25.27 21.00 0.55
N ASP C 273 -25.77 20.37 1.61
CA ASP C 273 -24.93 20.09 2.77
C ASP C 273 -23.78 19.17 2.41
N LEU C 274 -24.06 18.13 1.62
CA LEU C 274 -22.99 17.25 1.16
C LEU C 274 -21.96 18.01 0.34
N ILE C 275 -22.42 18.84 -0.60
CA ILE C 275 -21.51 19.58 -1.46
C ILE C 275 -20.64 20.51 -0.63
N GLN C 276 -21.25 21.26 0.30
CA GLN C 276 -20.50 22.11 1.21
C GLN C 276 -19.44 21.32 1.96
N GLY C 277 -19.81 20.14 2.48
CA GLY C 277 -18.84 19.34 3.21
C GLY C 277 -17.67 18.92 2.33
N LEU C 278 -17.96 18.55 1.08
CA LEU C 278 -16.90 18.11 0.18
C LEU C 278 -16.00 19.26 -0.25
N PHE C 279 -16.51 20.49 -0.26
CA PHE C 279 -15.75 21.62 -0.73
C PHE C 279 -15.24 22.51 0.40
N LEU C 280 -15.27 22.03 1.64
CA LEU C 280 -14.67 22.79 2.73
C LEU C 280 -13.19 23.01 2.45
N PHE C 281 -12.75 24.26 2.62
CA PHE C 281 -11.37 24.60 2.27
C PHE C 281 -10.37 23.90 3.19
N ASN C 282 -10.62 23.85 4.48
CA ASN C 282 -9.74 23.13 5.39
C ASN C 282 -9.86 21.64 5.11
N PRO C 283 -8.80 20.96 4.67
CA PRO C 283 -8.92 19.53 4.37
C PRO C 283 -9.22 18.68 5.59
N CYS C 284 -8.86 19.14 6.79
CA CYS C 284 -9.22 18.40 8.00
C CYS C 284 -10.71 18.45 8.25
N ALA C 285 -11.33 19.61 8.05
CA ALA C 285 -12.77 19.72 8.21
C ALA C 285 -13.52 19.08 7.05
N ARG C 286 -12.91 19.02 5.88
CA ARG C 286 -13.54 18.40 4.71
C ARG C 286 -13.98 16.98 5.04
N ILE C 287 -15.20 16.64 4.65
CA ILE C 287 -15.81 15.39 5.10
C ILE C 287 -15.08 14.21 4.49
N THR C 288 -14.91 13.15 5.29
CA THR C 288 -14.32 11.91 4.80
C THR C 288 -15.36 11.11 4.03
N ALA C 289 -14.89 10.02 3.40
CA ALA C 289 -15.82 9.14 2.71
C ALA C 289 -16.83 8.55 3.68
N THR C 290 -16.38 8.10 4.85
CA THR C 290 -17.29 7.59 5.87
C THR C 290 -18.30 8.64 6.27
N GLN C 291 -17.82 9.84 6.62
CA GLN C 291 -18.72 10.92 7.04
C GLN C 291 -19.69 11.29 5.93
N ALA C 292 -19.22 11.33 4.68
CA ALA C 292 -20.11 11.60 3.57
C ALA C 292 -21.18 10.52 3.45
N LEU C 293 -20.80 9.26 3.64
CA LEU C 293 -21.75 8.17 3.52
C LEU C 293 -22.83 8.24 4.60
N LYS C 294 -22.47 8.75 5.79
CA LYS C 294 -23.43 8.89 6.87
C LYS C 294 -24.33 10.10 6.72
N MET C 295 -24.09 10.96 5.74
CA MET C 295 -24.86 12.17 5.60
C MET C 295 -26.30 11.85 5.18
N LYS C 296 -27.20 12.76 5.55
CA LYS C 296 -28.63 12.54 5.35
C LYS C 296 -28.98 12.44 3.87
N TYR C 297 -28.18 13.06 3.00
CA TYR C 297 -28.46 12.99 1.56
C TYR C 297 -28.58 11.54 1.10
N PHE C 298 -27.72 10.66 1.60
CA PHE C 298 -27.70 9.29 1.12
C PHE C 298 -28.84 8.46 1.70
N SER C 299 -29.27 8.74 2.92
CA SER C 299 -30.38 8.00 3.52
C SER C 299 -31.74 8.60 3.21
N ASN C 300 -31.80 9.75 2.56
CA ASN C 300 -33.08 10.39 2.27
C ASN C 300 -33.71 9.80 1.01
N ARG C 301 -34.97 10.16 0.78
CA ARG C 301 -35.66 9.82 -0.45
C ARG C 301 -35.28 10.81 -1.56
N PRO C 302 -35.24 10.36 -2.82
CA PRO C 302 -35.44 8.98 -3.29
C PRO C 302 -34.18 8.15 -3.09
N GLY C 303 -34.30 6.83 -3.10
CA GLY C 303 -33.16 5.97 -2.93
C GLY C 303 -32.27 6.00 -4.17
N PRO C 304 -31.04 5.49 -4.03
CA PRO C 304 -30.15 5.43 -5.20
C PRO C 304 -30.70 4.48 -6.25
N THR C 305 -30.43 4.82 -7.50
CA THR C 305 -30.85 3.96 -8.59
C THR C 305 -30.14 2.62 -8.50
N PRO C 306 -30.84 1.50 -8.67
CA PRO C 306 -30.17 0.21 -8.79
C PRO C 306 -29.30 0.17 -10.05
N GLY C 307 -28.20 -0.60 -9.96
CA GLY C 307 -27.24 -0.61 -11.06
C GLY C 307 -27.86 -1.01 -12.39
N CYS C 308 -28.76 -1.99 -12.38
CA CYS C 308 -29.42 -2.42 -13.60
C CYS C 308 -30.20 -1.29 -14.26
N GLN C 309 -30.60 -0.27 -13.50
CA GLN C 309 -31.42 0.82 -14.02
C GLN C 309 -30.62 2.08 -14.33
N LEU C 310 -29.32 2.11 -14.04
CA LEU C 310 -28.53 3.28 -14.34
C LEU C 310 -28.45 3.49 -15.86
N PRO C 311 -28.34 4.74 -16.31
CA PRO C 311 -28.38 5.00 -17.76
C PRO C 311 -27.17 4.41 -18.48
N ARG C 312 -27.41 3.92 -19.69
CA ARG C 312 -26.36 3.34 -20.53
C ARG C 312 -26.12 4.25 -21.72
N PRO C 313 -24.89 4.71 -21.96
CA PRO C 313 -24.59 5.64 -23.05
C PRO C 313 -24.38 4.92 -24.38
C10 1QK D . -11.18 0.99 -21.66
C10 1QK D . -11.40 0.90 -21.82
N12 1QK D . -13.27 -0.36 -21.53
N12 1QK D . -13.45 -0.47 -21.62
C13 1QK D . -13.89 0.32 -22.65
C13 1QK D . -14.15 0.22 -22.70
C15 1QK D . -14.23 2.26 -21.03
C15 1QK D . -14.79 2.56 -23.40
C17 1QK D . -15.34 4.22 -21.80
C17 1QK D . -14.94 4.30 -21.76
C22 1QK D . -8.91 2.42 -23.22
C22 1QK D . -10.04 3.35 -22.80
C24 1QK D . -10.13 4.60 -23.22
C24 1QK D . -7.72 3.65 -23.57
C26 1QK D . -9.03 3.74 -21.20
C26 1QK D . -8.11 2.83 -21.28
C28 1QK D . -7.79 3.21 -19.05
C28 1QK D . -7.64 3.13 -18.84
C01 1QK D . -7.57 -0.77 -18.02
C01 1QK D . -7.67 -0.66 -18.14
C02 1QK D . -8.89 -1.14 -17.36
C02 1QK D . -8.99 -1.05 -17.47
C03 1QK D . -10.10 -1.11 -18.29
C03 1QK D . -10.20 -1.07 -18.40
C04 1QK D . -11.24 -1.90 -18.16
C04 1QK D . -11.32 -1.88 -18.23
N05 1QK D . -12.07 -1.60 -19.14
N05 1QK D . -12.17 -1.62 -19.21
N06 1QK D . -11.48 -0.60 -19.93
N06 1QK D . -11.62 -0.64 -20.03
C07 1QK D . -10.32 -0.30 -19.45
C07 1QK D . -10.46 -0.29 -19.56
N08 1QK D . -9.54 0.65 -20.02
N08 1QK D . -9.71 0.66 -20.20
C09 1QK D . -9.94 1.31 -21.11
C09 1QK D . -10.15 1.26 -21.30
C11 1QK D . -11.95 0.01 -21.04
C11 1QK D . -12.14 -0.06 -21.15
C14 1QK D . -14.39 1.72 -22.30
C14 1QK D . -14.44 1.68 -22.37
C16 1QK D . -14.71 3.53 -20.78
C16 1QK D . -15.04 3.89 -23.08
N18 1QK D . -15.50 3.67 -22.99
N18 1QK D . -14.61 3.43 -20.82
C19 1QK D . -15.05 2.47 -23.26
C19 1QK D . -14.37 2.17 -21.07
O20 1QK D . -16.14 4.40 -24.01
O20 1QK D . -14.51 3.87 -19.49
N21 1QK D . -9.05 2.31 -21.70
N21 1QK D . -9.35 2.27 -21.97
C23 1QK D . -9.94 3.32 -23.87
C23 1QK D . -9.09 4.10 -23.72
C25 1QK D . -10.19 4.53 -21.76
C25 1QK D . -7.27 3.72 -22.20
C27 1QK D . -9.06 3.79 -19.69
C27 1QK D . -8.49 3.59 -20.04
O29 1QK D . -8.17 2.60 -17.84
O29 1QK D . -8.51 2.65 -17.84
#